data_9QZT
#
_entry.id   9QZT
#
_cell.length_a   56.450
_cell.length_b   115.050
_cell.length_c   69.800
_cell.angle_alpha   90.000
_cell.angle_beta   92.680
_cell.angle_gamma   90.000
#
_symmetry.space_group_name_H-M   'P 1 21 1'
#
loop_
_entity.id
_entity.type
_entity.pdbx_description
1 polymer 'Phytochrome A-2'
2 non-polymer PHYCOCYANOBILIN
3 water water
#
_entity_poly.entity_id   1
_entity_poly.type   'polypeptide(L)'
_entity_poly.pdbx_seq_one_letter_code
;MISGTADGVNQPRHDKVTTAYLHHMQKGKMIQPFGCLLALDEKTCKVIAYSENAPEMLTMVSHAVPSVGDHPALGIGTDI
KTLFTAPSASALQKALGFAEVLLLNPVLIHCKTSGKPFYAIIHRVTGSMIIDFEPVKPYEVPMTAAGALQSYKLAAKAIT
RLQSLPSGSMERLCDTMVQEVFELTGYDRVMAYKFHEDDHGEVIAEITKPGLEPYLGLHYPATDIPQASRFLFMKNKVRM
IVDCHAKHVRVLQDEKLPFDLTLCGSTLRAPHSCHAQYMANMDSIASLVMAVVVNDNEEDGDTDAIQPQKRKRLWGLVVC
HNTTPRFVPFPLRYACEFLAQVFAIHVNKEIELHHHHHH
;
_entity_poly.pdbx_strand_id   A,B
#
loop_
_chem_comp.id
_chem_comp.type
_chem_comp.name
_chem_comp.formula
CYC non-polymer PHYCOCYANOBILIN 'C33 H40 N4 O6'
#
# COMPACT_ATOMS: atom_id res chain seq x y z
N LEU A 22 4.15 -20.57 29.49
CA LEU A 22 3.04 -20.46 28.55
C LEU A 22 1.96 -19.56 29.16
N HIS A 23 1.83 -19.60 30.49
CA HIS A 23 0.76 -18.97 31.25
C HIS A 23 1.11 -17.56 31.73
N HIS A 24 2.33 -17.09 31.45
CA HIS A 24 2.64 -15.67 31.60
C HIS A 24 3.08 -15.13 30.27
N MET A 25 2.52 -15.68 29.20
CA MET A 25 2.56 -15.05 27.91
C MET A 25 1.19 -14.96 27.26
N GLN A 26 0.32 -15.93 27.59
CA GLN A 26 -1.08 -15.97 27.21
C GLN A 26 -2.03 -15.27 28.18
N LYS A 27 -1.77 -15.38 29.49
CA LYS A 27 -2.68 -14.84 30.49
C LYS A 27 -1.99 -13.70 31.21
N GLY A 28 -0.73 -13.44 30.83
CA GLY A 28 -0.04 -12.23 31.24
C GLY A 28 -0.82 -11.04 30.71
N LYS A 29 -0.92 -9.98 31.53
N LYS A 29 -0.46 -9.70 31.70
CA LYS A 29 -1.79 -8.86 31.24
CA LYS A 29 -1.57 -8.93 31.16
C LYS A 29 -1.05 -7.55 31.03
C LYS A 29 -1.13 -7.52 30.74
N MET A 30 0.18 -7.59 30.49
N MET A 30 0.05 -7.42 30.13
CA MET A 30 0.95 -6.37 30.31
CA MET A 30 0.75 -6.14 29.98
C MET A 30 1.13 -6.06 28.81
C MET A 30 1.12 -5.89 28.51
N ILE A 31 1.11 -4.77 28.48
N ILE A 31 1.20 -4.61 28.15
CA ILE A 31 1.46 -4.30 27.14
CA ILE A 31 1.46 -4.19 26.78
C ILE A 31 2.61 -3.30 27.24
C ILE A 31 2.54 -3.12 26.77
N GLN A 32 3.27 -3.12 26.10
N GLN A 32 3.21 -2.99 25.63
CA GLN A 32 4.23 -2.04 25.90
CA GLN A 32 4.19 -1.92 25.44
C GLN A 32 3.52 -0.68 25.85
C GLN A 32 3.50 -0.57 25.44
N PRO A 33 4.14 0.38 26.37
N PRO A 33 4.13 0.48 25.97
CA PRO A 33 3.45 1.69 26.44
CA PRO A 33 3.42 1.74 26.20
C PRO A 33 3.40 2.51 25.16
C PRO A 33 3.29 2.65 24.99
N PHE A 34 3.95 2.06 24.02
N PHE A 34 3.82 2.31 23.82
CA PHE A 34 3.87 2.88 22.80
CA PHE A 34 3.68 3.25 22.70
C PHE A 34 2.46 2.99 22.24
C PHE A 34 2.24 3.34 22.22
N GLY A 35 1.55 2.09 22.59
N GLY A 35 1.44 2.29 22.42
CA GLY A 35 0.18 2.22 22.15
CA GLY A 35 0.04 2.29 22.05
C GLY A 35 -0.77 1.85 23.27
C GLY A 35 -0.89 2.19 23.24
N CYS A 36 -2.07 1.72 22.97
N CYS A 36 -2.13 1.78 22.96
CA CYS A 36 -3.03 1.30 23.97
CA CYS A 36 -3.13 1.51 23.96
C CYS A 36 -4.01 0.32 23.35
C CYS A 36 -4.05 0.45 23.41
N LEU A 37 -4.78 -0.35 24.22
N LEU A 37 -4.78 -0.20 24.30
CA LEU A 37 -5.61 -1.46 23.82
CA LEU A 37 -5.57 -1.36 23.91
C LEU A 37 -7.02 -1.31 24.41
C LEU A 37 -7.02 -1.15 24.29
N LEU A 38 -8.04 -1.63 23.61
N LEU A 38 -7.90 -1.79 23.53
CA LEU A 38 -9.40 -1.86 24.08
CA LEU A 38 -9.29 -1.90 23.89
C LEU A 38 -9.85 -3.24 23.61
C LEU A 38 -9.81 -3.24 23.38
N ALA A 39 -10.65 -3.92 24.43
N ALA A 39 -10.70 -3.85 24.15
CA ALA A 39 -11.40 -5.10 24.01
CA ALA A 39 -11.45 -5.00 23.69
C ALA A 39 -12.88 -4.81 24.13
C ALA A 39 -12.92 -4.66 23.84
N LEU A 40 -13.63 -5.18 23.10
N LEU A 40 -13.73 -5.17 22.91
CA LEU A 40 -15.06 -4.91 23.05
CA LEU A 40 -15.15 -4.89 22.88
C LEU A 40 -15.85 -6.21 23.06
C LEU A 40 -15.95 -6.19 22.95
N ASP A 41 -17.03 -6.15 23.66
N ASP A 41 -17.06 -6.16 23.70
CA ASP A 41 -17.88 -7.34 23.71
CA ASP A 41 -17.99 -7.28 23.65
C ASP A 41 -18.37 -7.65 22.31
C ASP A 41 -18.48 -7.46 22.22
N GLU A 42 -18.31 -8.93 21.94
N GLU A 42 -18.43 -8.70 21.73
CA GLU A 42 -18.60 -9.27 20.55
CA GLU A 42 -18.78 -8.97 20.34
C GLU A 42 -20.06 -9.01 20.13
C GLU A 42 -20.25 -8.65 20.06
N LYS A 43 -20.97 -8.84 21.09
N LYS A 43 -21.11 -8.70 21.08
CA LYS A 43 -22.35 -8.46 20.82
CA LYS A 43 -22.56 -8.47 20.90
C LYS A 43 -22.70 -7.02 21.18
C LYS A 43 -22.96 -7.02 21.14
N THR A 44 -22.38 -6.55 22.38
N THR A 44 -22.59 -6.44 22.29
CA THR A 44 -22.84 -5.20 22.71
CA THR A 44 -23.03 -5.10 22.66
C THR A 44 -21.94 -4.14 22.11
C THR A 44 -22.08 -4.00 22.20
N CYS A 45 -20.73 -4.52 21.71
N CYS A 45 -20.85 -4.35 21.80
CA CYS A 45 -19.74 -3.57 21.22
CA CYS A 45 -19.91 -3.40 21.24
C CYS A 45 -19.18 -2.67 22.32
C CYS A 45 -19.53 -2.30 22.23
N LYS A 46 -19.51 -2.91 23.60
N LYS A 46 -19.51 -2.63 23.53
CA LYS A 46 -19.03 -2.01 24.66
CA LYS A 46 -18.99 -1.77 24.57
C LYS A 46 -17.70 -2.49 25.25
C LYS A 46 -17.71 -2.36 25.13
N VAL A 47 -17.00 -1.57 25.90
N VAL A 47 -16.93 -1.51 25.79
CA VAL A 47 -15.67 -1.87 26.43
CA VAL A 47 -15.65 -1.95 26.37
C VAL A 47 -15.77 -2.86 27.58
C VAL A 47 -15.87 -3.08 27.36
N ILE A 48 -15.05 -3.98 27.46
N ILE A 48 -15.07 -4.14 27.24
CA ILE A 48 -14.92 -4.96 28.53
CA ILE A 48 -14.99 -5.17 28.27
C ILE A 48 -13.50 -5.07 29.08
C ILE A 48 -13.60 -5.30 28.88
N ALA A 49 -12.53 -4.46 28.41
N ALA A 49 -12.62 -4.56 28.39
CA ALA A 49 -11.16 -4.40 28.92
CA ALA A 49 -11.27 -4.50 28.93
C ALA A 49 -10.47 -3.23 28.25
C ALA A 49 -10.51 -3.39 28.22
N TYR A 50 -9.52 -2.64 28.97
N TYR A 50 -9.64 -2.70 28.97
CA TYR A 50 -8.71 -1.52 28.50
CA TYR A 50 -8.98 -1.52 28.45
C TYR A 50 -7.36 -1.50 29.23
C TYR A 50 -7.61 -1.41 29.10
N SER A 51 -6.32 -1.05 28.52
N SER A 51 -6.66 -0.84 28.38
CA SER A 51 -5.01 -0.83 29.14
CA SER A 51 -5.33 -0.66 28.94
C SER A 51 -5.04 0.41 30.03
C SER A 51 -5.29 0.60 29.83
N GLU A 52 -4.21 0.43 31.07
N GLU A 52 -4.42 0.57 30.84
CA GLU A 52 -4.28 1.53 32.06
CA GLU A 52 -4.43 1.64 31.85
C GLU A 52 -3.91 2.89 31.47
C GLU A 52 -4.17 3.01 31.24
N ASN A 53 -3.19 2.92 30.34
N ASN A 53 -3.20 3.09 30.32
CA ASN A 53 -2.86 4.17 29.68
CA ASN A 53 -2.92 4.35 29.65
C ASN A 53 -3.91 4.63 28.67
C ASN A 53 -4.10 4.87 28.85
N ALA A 54 -4.97 3.84 28.44
N ALA A 54 -5.02 3.99 28.41
CA ALA A 54 -5.94 4.21 27.41
CA ALA A 54 -5.97 4.35 27.35
C ALA A 54 -6.71 5.50 27.69
C ALA A 54 -6.86 5.53 27.68
N PRO A 55 -7.20 5.77 28.92
N PRO A 55 -7.40 5.69 28.90
CA PRO A 55 -7.85 7.07 29.17
CA PRO A 55 -8.09 6.95 29.19
C PRO A 55 -7.00 8.27 28.76
C PRO A 55 -7.22 8.18 28.96
N GLU A 56 -5.72 8.37 29.17
N GLU A 56 -5.89 8.07 29.11
CA GLU A 56 -5.02 9.60 28.76
CA GLU A 56 -5.01 9.21 28.87
C GLU A 56 -4.78 9.61 27.26
C GLU A 56 -4.69 9.41 27.39
N MET A 57 -4.46 8.44 26.71
N MET A 57 -4.60 8.34 26.61
CA MET A 57 -4.12 8.42 25.29
CA MET A 57 -4.27 8.51 25.19
C MET A 57 -5.34 8.72 24.42
C MET A 57 -5.52 8.88 24.37
N LEU A 58 -6.53 8.27 24.80
N LEU A 58 -6.69 8.37 24.74
CA LEU A 58 -7.65 8.41 23.88
CA LEU A 58 -7.87 8.50 23.89
C LEU A 58 -8.60 9.56 24.21
C LEU A 58 -8.83 9.61 24.29
N THR A 59 -8.61 10.06 25.45
N THR A 59 -8.72 10.20 25.49
CA THR A 59 -9.51 11.14 25.86
CA THR A 59 -9.76 11.09 26.00
C THR A 59 -8.83 12.38 26.46
C THR A 59 -9.30 12.45 26.55
N MET A 60 -7.55 12.32 26.83
N MET A 60 -8.00 12.71 26.64
CA MET A 60 -6.81 13.45 27.40
CA MET A 60 -7.42 13.87 27.34
C MET A 60 -7.24 13.63 28.85
C MET A 60 -7.87 13.97 28.80
N VAL A 61 -7.78 12.57 29.52
N VAL A 61 -8.00 12.83 29.50
CA VAL A 61 -8.21 12.51 30.93
CA VAL A 61 -8.51 12.72 30.89
C VAL A 61 -8.99 13.78 31.32
C VAL A 61 -9.05 14.02 31.52
N ASP A 70 -21.46 12.21 33.80
CA ASP A 70 -21.59 10.86 33.26
C ASP A 70 -20.75 9.85 34.07
N HIS A 71 -19.47 9.74 33.70
N HIS A 71 -19.75 9.11 34.23
CA HIS A 71 -18.50 8.83 34.31
CA HIS A 71 -18.62 8.29 34.64
C HIS A 71 -17.10 9.18 33.81
C HIS A 71 -17.32 8.75 33.95
N PRO A 72 -16.00 8.64 34.42
N PRO A 72 -16.13 8.32 34.48
CA PRO A 72 -14.70 8.72 33.73
CA PRO A 72 -14.88 8.59 33.76
C PRO A 72 -14.89 8.29 32.29
C PRO A 72 -14.99 8.25 32.29
N ALA A 73 -14.77 9.26 31.38
N ALA A 73 -14.49 9.13 31.43
CA ALA A 73 -14.88 9.07 29.95
CA ALA A 73 -14.81 9.09 30.00
C ALA A 73 -14.54 7.68 29.39
C ALA A 73 -14.58 7.71 29.40
N LEU A 74 -13.72 6.88 30.10
N LEU A 74 -13.74 6.90 30.04
CA LEU A 74 -13.36 5.57 29.57
CA LEU A 74 -13.43 5.58 29.55
C LEU A 74 -13.27 4.56 30.71
C LEU A 74 -13.38 4.60 30.72
N GLY A 75 -14.09 3.52 30.65
N GLY A 75 -14.18 3.54 30.63
CA GLY A 75 -14.09 2.47 31.63
CA GLY A 75 -14.06 2.41 31.54
C GLY A 75 -14.83 1.27 31.09
C GLY A 75 -14.93 1.27 31.05
N ILE A 76 -15.03 0.27 31.95
N ILE A 76 -14.97 0.21 31.86
CA ILE A 76 -15.90 -0.86 31.61
CA ILE A 76 -15.87 -0.93 31.63
C ILE A 76 -17.27 -0.32 31.24
C ILE A 76 -17.29 -0.42 31.46
N GLY A 77 -17.82 -0.80 30.11
N GLY A 77 -17.80 -0.41 30.22
CA GLY A 77 -19.14 -0.41 29.65
CA GLY A 77 -19.15 0.04 29.93
C GLY A 77 -19.19 0.81 28.74
C GLY A 77 -19.25 1.15 28.89
N THR A 78 -18.07 1.50 28.50
N THR A 78 -18.14 1.73 28.47
CA THR A 78 -18.09 2.65 27.61
CA THR A 78 -18.16 2.89 27.60
C THR A 78 -18.49 2.26 26.18
C THR A 78 -18.66 2.52 26.20
N ASP A 79 -19.31 3.09 25.54
N ASP A 79 -19.57 3.33 25.65
CA ASP A 79 -19.73 2.93 24.15
CA ASP A 79 -19.92 3.16 24.25
C ASP A 79 -18.75 3.65 23.22
C ASP A 79 -18.93 3.94 23.39
N ILE A 80 -18.28 2.99 22.16
N ILE A 80 -18.25 3.23 22.46
CA ILE A 80 -17.25 3.58 21.31
CA ILE A 80 -17.23 3.84 21.61
C ILE A 80 -17.76 4.81 20.55
C ILE A 80 -17.81 5.01 20.82
N LYS A 81 -19.09 4.98 20.42
N LYS A 81 -19.14 5.03 20.60
CA LYS A 81 -19.62 6.21 19.83
CA LYS A 81 -19.82 6.18 20.02
C LYS A 81 -19.29 7.44 20.67
C LYS A 81 -19.51 7.47 20.78
N THR A 82 -18.98 7.30 21.94
N THR A 82 -19.26 7.40 22.08
CA THR A 82 -18.62 8.48 22.73
CA THR A 82 -18.84 8.57 22.84
C THR A 82 -17.13 8.83 22.64
C THR A 82 -17.36 8.89 22.69
N LEU A 83 -16.28 7.91 22.14
N LEU A 83 -16.53 7.91 22.29
CA LEU A 83 -14.83 8.08 22.09
CA LEU A 83 -15.10 8.15 22.27
C LEU A 83 -14.34 8.63 20.76
C LEU A 83 -14.65 8.85 20.99
N PHE A 84 -14.97 8.25 19.65
N PHE A 84 -15.16 8.45 19.85
CA PHE A 84 -14.44 8.46 18.32
CA PHE A 84 -14.58 8.83 18.57
C PHE A 84 -15.44 9.25 17.46
C PHE A 84 -15.61 9.60 17.76
N THR A 85 -14.94 9.94 16.44
N THR A 85 -15.21 10.01 16.56
CA THR A 85 -15.85 10.57 15.49
CA THR A 85 -16.12 10.71 15.67
C THR A 85 -16.72 9.53 14.79
C THR A 85 -16.94 9.69 14.87
N ALA A 86 -17.84 9.99 14.23
N ALA A 86 -18.09 10.14 14.37
CA ALA A 86 -18.81 9.07 13.66
CA ALA A 86 -19.08 9.21 13.84
C ALA A 86 -18.30 8.24 12.51
C ALA A 86 -18.55 8.30 12.74
N PRO A 87 -17.60 8.79 11.51
N PRO A 87 -18.01 8.80 11.63
CA PRO A 87 -17.01 7.89 10.48
CA PRO A 87 -17.48 7.87 10.60
C PRO A 87 -16.10 6.85 11.12
C PRO A 87 -16.29 7.04 11.06
N SER A 88 -15.34 7.24 12.15
N SER A 88 -15.48 7.52 12.00
CA SER A 88 -14.43 6.30 12.80
CA SER A 88 -14.47 6.64 12.60
C SER A 88 -15.23 5.17 13.45
C SER A 88 -15.14 5.56 13.41
N ALA A 89 -16.19 5.55 14.31
N ALA A 89 -16.25 5.90 14.07
CA ALA A 89 -17.05 4.54 14.96
CA ALA A 89 -16.98 4.91 14.86
C ALA A 89 -17.80 3.66 13.95
C ALA A 89 -17.71 3.92 13.97
N SER A 90 -18.37 4.23 12.88
N SER A 90 -18.32 4.40 12.87
CA SER A 90 -19.02 3.39 11.86
CA SER A 90 -19.05 3.49 11.98
C SER A 90 -18.06 2.35 11.32
C SER A 90 -18.09 2.69 11.12
N ALA A 91 -16.82 2.75 10.99
N ALA A 91 -16.87 3.20 10.94
CA ALA A 91 -15.88 1.79 10.43
CA ALA A 91 -15.79 2.38 10.37
C ALA A 91 -15.58 0.67 11.43
C ALA A 91 -15.54 1.16 11.24
N LEU A 92 -15.50 0.99 12.73
N LEU A 92 -15.55 1.35 12.57
CA LEU A 92 -15.27 -0.09 13.71
CA LEU A 92 -15.34 0.24 13.48
C LEU A 92 -16.50 -0.95 13.86
C LEU A 92 -16.55 -0.69 13.55
N GLN A 93 -17.70 -0.35 13.80
N GLN A 93 -17.77 -0.12 13.60
CA GLN A 93 -18.91 -1.16 13.87
CA GLN A 93 -18.96 -0.95 13.72
C GLN A 93 -18.94 -2.13 12.69
C GLN A 93 -19.11 -1.88 12.51
N LYS A 94 -18.54 -1.66 11.50
N LYS A 94 -18.57 -1.48 11.35
CA LYS A 94 -18.55 -2.58 10.37
CA LYS A 94 -18.65 -2.35 10.17
C LYS A 94 -17.61 -3.74 10.62
C LYS A 94 -17.73 -3.54 10.28
N ALA A 95 -16.43 -3.48 11.21
N ALA A 95 -16.63 -3.44 11.03
CA ALA A 95 -15.51 -4.59 11.44
CA ALA A 95 -15.79 -4.60 11.30
C ALA A 95 -16.12 -5.60 12.39
C ALA A 95 -16.47 -5.62 12.21
N LEU A 96 -16.88 -5.13 13.39
N LEU A 96 -17.51 -5.22 12.96
CA LEU A 96 -17.45 -6.10 14.31
CA LEU A 96 -18.25 -6.18 13.75
C LEU A 96 -18.36 -7.06 13.53
C LEU A 96 -19.06 -7.13 12.89
N GLY A 97 -18.76 -6.64 12.31
N GLY A 97 -19.32 -6.77 11.63
CA GLY A 97 -19.60 -7.37 11.36
CA GLY A 97 -19.97 -7.67 10.69
C GLY A 97 -18.88 -8.21 10.31
C GLY A 97 -19.04 -8.58 9.93
N PHE A 98 -17.78 -8.88 10.67
N PHE A 98 -17.73 -8.34 9.98
CA PHE A 98 -16.91 -9.65 9.74
CA PHE A 98 -16.76 -9.19 9.30
C PHE A 98 -16.00 -10.63 10.49
C PHE A 98 -16.48 -10.45 10.12
N LEU A 102 -11.72 -11.54 6.11
N LEU A 102 -10.90 -11.34 5.44
CA LEU A 102 -12.68 -10.43 6.05
CA LEU A 102 -12.02 -10.40 5.27
C LEU A 102 -12.12 -9.10 6.61
C LEU A 102 -11.74 -9.07 5.97
N LEU A 103 -11.25 -9.15 7.65
N LEU A 103 -11.03 -9.13 7.10
CA LEU A 103 -10.70 -7.93 8.27
CA LEU A 103 -10.70 -7.93 7.86
C LEU A 103 -9.54 -7.31 7.47
C LEU A 103 -9.52 -7.20 7.23
N LEU A 104 -9.67 -6.04 7.12
N LEU A 104 -9.67 -5.90 6.99
CA LEU A 104 -8.60 -5.26 6.52
CA LEU A 104 -8.60 -5.10 6.43
C LEU A 104 -7.98 -4.26 7.50
C LEU A 104 -8.09 -4.14 7.52
N ASN A 105 -6.77 -4.46 7.84
N ASN A 105 -6.78 -3.92 7.54
CA ASN A 105 -6.16 -3.58 8.81
CA ASN A 105 -6.10 -3.18 8.59
C ASN A 105 -5.22 -2.64 8.05
C ASN A 105 -5.01 -2.30 7.99
N PRO A 106 -4.86 -1.49 8.65
N PRO A 106 -4.78 -1.11 8.53
CA PRO A 106 -5.43 -0.90 9.87
CA PRO A 106 -5.41 -0.50 9.71
C PRO A 106 -6.59 0.01 9.55
C PRO A 106 -6.43 0.55 9.35
N VAL A 107 -7.38 0.39 10.54
N VAL A 107 -7.43 0.69 10.21
CA VAL A 107 -8.41 1.39 10.35
CA VAL A 107 -8.45 1.70 10.09
C VAL A 107 -7.85 2.71 10.89
C VAL A 107 -7.98 2.95 10.82
N LEU A 108 -8.04 3.79 10.15
N LEU A 108 -7.82 4.05 10.07
CA LEU A 108 -7.64 5.12 10.60
CA LEU A 108 -7.51 5.33 10.68
C LEU A 108 -8.77 5.76 11.38
C LEU A 108 -8.75 5.84 11.37
N ILE A 109 -8.56 5.97 12.68
N ILE A 109 -8.59 6.32 12.60
CA ILE A 109 -9.57 6.52 13.59
CA ILE A 109 -9.71 6.82 13.40
C ILE A 109 -9.09 7.86 14.15
C ILE A 109 -9.34 8.17 13.98
N HIS A 110 -10.06 8.75 14.40
N HIS A 110 -10.35 8.89 14.45
CA HIS A 110 -9.85 10.02 15.08
CA HIS A 110 -10.17 10.15 15.16
C HIS A 110 -10.64 10.07 16.38
C HIS A 110 -10.96 10.11 16.47
N CYS A 111 -10.00 10.60 17.42
N CYS A 111 -10.45 10.83 17.47
CA CYS A 111 -10.68 10.79 18.68
CA CYS A 111 -11.15 10.92 18.74
C CYS A 111 -11.64 11.97 18.57
C CYS A 111 -12.14 12.09 18.71
N LYS A 112 -12.73 11.86 19.32
N LYS A 112 -13.07 12.08 19.66
CA LYS A 112 -13.84 12.81 19.27
CA LYS A 112 -14.30 12.88 19.53
C LYS A 112 -13.54 14.26 19.67
C LYS A 112 -13.98 14.38 19.43
N THR A 113 -12.91 14.50 20.79
N THR A 113 -13.38 14.94 20.46
CA THR A 113 -12.59 15.91 21.07
CA THR A 113 -13.21 16.39 20.53
C THR A 113 -11.32 16.44 20.40
C THR A 113 -11.85 16.84 20.00
N SER A 114 -10.21 15.77 20.64
N SER A 114 -10.79 16.12 20.38
CA SER A 114 -8.92 16.18 20.15
CA SER A 114 -9.44 16.52 20.02
C SER A 114 -8.73 16.04 18.63
C SER A 114 -9.16 16.35 18.53
N GLY A 115 -9.44 15.13 18.00
N GLY A 115 -9.65 15.28 17.92
CA GLY A 115 -9.20 14.75 16.62
CA GLY A 115 -9.23 14.99 16.58
C GLY A 115 -7.92 13.99 16.46
C GLY A 115 -7.85 14.37 16.50
N LYS A 116 -7.35 13.57 17.58
N LYS A 116 -7.34 13.80 17.57
CA LYS A 116 -6.09 12.85 17.66
CA LYS A 116 -6.12 13.01 17.48
C LYS A 116 -6.19 11.52 16.90
C LYS A 116 -6.40 11.78 16.60
N PRO A 117 -5.31 11.22 15.95
N PRO A 117 -5.57 11.52 15.61
CA PRO A 117 -5.52 10.04 15.09
CA PRO A 117 -5.79 10.33 14.77
C PRO A 117 -4.69 8.83 15.52
C PRO A 117 -4.94 9.13 15.21
N PHE A 118 -5.21 7.62 15.24
N PHE A 118 -5.47 7.92 15.03
CA PHE A 118 -4.51 6.38 15.53
CA PHE A 118 -4.79 6.68 15.31
C PHE A 118 -4.75 5.40 14.39
C PHE A 118 -5.02 5.72 14.15
N TYR A 119 -3.79 4.48 14.21
N TYR A 119 -4.03 4.87 13.89
CA TYR A 119 -4.10 3.26 13.50
CA TYR A 119 -4.28 3.61 13.19
C TYR A 119 -4.72 2.27 14.48
C TYR A 119 -4.94 2.67 14.16
N ALA A 120 -5.87 1.71 14.11
N ALA A 120 -6.10 2.12 13.81
CA ALA A 120 -6.53 0.68 14.89
CA ALA A 120 -6.78 1.15 14.66
C ALA A 120 -6.28 -0.67 14.22
C ALA A 120 -6.70 -0.23 14.01
N ILE A 121 -5.69 -1.61 14.95
N ILE A 121 -5.96 -1.14 14.63
CA ILE A 121 -5.41 -2.96 14.44
CA ILE A 121 -5.73 -2.49 14.11
C ILE A 121 -6.27 -3.99 15.17
C ILE A 121 -6.58 -3.47 14.90
N ILE A 122 -7.14 -4.65 14.40
N ILE A 122 -7.22 -4.40 14.20
CA ILE A 122 -8.23 -5.46 14.95
CA ILE A 122 -8.27 -5.22 14.81
C ILE A 122 -7.93 -6.95 14.77
C ILE A 122 -8.03 -6.69 14.52
N HIS A 123 -8.20 -7.74 15.83
N HIS A 123 -8.33 -7.53 15.52
CA HIS A 123 -8.25 -9.19 15.71
CA HIS A 123 -8.33 -8.98 15.40
C HIS A 123 -9.33 -9.72 16.67
C HIS A 123 -9.41 -9.55 16.31
N ARG A 124 -9.70 -10.97 16.45
N ARG A 124 -9.72 -10.83 16.11
CA ARG A 124 -10.74 -11.67 17.19
CA ARG A 124 -10.88 -11.48 16.69
C ARG A 124 -10.20 -12.81 18.03
C ARG A 124 -10.52 -12.61 17.65
N VAL A 125 -10.83 -12.95 19.18
N VAL A 125 -11.18 -12.65 18.81
CA VAL A 125 -10.73 -14.07 20.10
CA VAL A 125 -11.14 -13.81 19.71
C VAL A 125 -12.17 -14.47 20.38
C VAL A 125 -12.58 -14.20 20.04
N THR A 126 -12.33 -15.65 20.97
N THR A 126 -12.72 -15.20 20.92
CA THR A 126 -13.67 -16.18 21.24
CA THR A 126 -13.99 -15.93 21.02
C THR A 126 -14.65 -15.21 21.91
C THR A 126 -15.17 -14.99 21.25
N GLY A 127 -14.30 -14.65 23.03
N GLY A 127 -15.23 -14.36 22.41
CA GLY A 127 -15.29 -13.70 23.54
CA GLY A 127 -16.42 -13.54 22.59
C GLY A 127 -15.31 -12.26 23.02
C GLY A 127 -16.25 -12.06 22.41
N SER A 128 -14.32 -11.84 22.25
N SER A 128 -15.19 -11.60 21.75
CA SER A 128 -14.15 -10.42 22.09
CA SER A 128 -14.82 -10.20 21.85
C SER A 128 -13.50 -9.98 20.79
C SER A 128 -14.15 -9.76 20.56
N MET A 129 -13.67 -8.69 20.49
N MET A 129 -13.80 -8.48 20.51
CA MET A 129 -12.88 -8.01 19.46
CA MET A 129 -13.00 -7.95 19.42
C MET A 129 -11.86 -7.11 20.16
C MET A 129 -12.00 -6.96 20.00
N ILE A 130 -10.59 -7.39 19.89
N ILE A 130 -10.73 -7.16 19.68
CA ILE A 130 -9.48 -6.66 20.49
CA ILE A 130 -9.63 -6.47 20.35
C ILE A 130 -8.91 -5.67 19.49
C ILE A 130 -9.08 -5.40 19.40
N ILE A 131 -8.69 -4.43 19.95
N ILE A 131 -8.76 -4.23 19.94
CA ILE A 131 -8.18 -3.35 19.11
CA ILE A 131 -8.17 -3.14 19.16
C ILE A 131 -6.90 -2.82 19.72
C ILE A 131 -6.85 -2.71 19.80
N ASP A 132 -5.80 -2.90 18.96
N ASP A 132 -5.76 -2.83 19.02
CA ASP A 132 -4.54 -2.25 19.30
CA ASP A 132 -4.54 -2.05 19.25
C ASP A 132 -4.53 -0.87 18.65
C ASP A 132 -4.73 -0.66 18.65
N PHE A 133 -4.22 0.16 19.40
N PHE A 133 -4.27 0.38 19.36
CA PHE A 133 -4.16 1.54 18.88
CA PHE A 133 -4.26 1.76 18.84
C PHE A 133 -2.71 2.04 18.83
C PHE A 133 -2.83 2.26 18.79
N GLU A 134 -2.22 2.36 17.63
N GLU A 134 -2.41 2.77 17.63
CA GLU A 134 -0.86 2.88 17.42
CA GLU A 134 -1.05 3.25 17.49
C GLU A 134 -0.95 4.33 16.93
C GLU A 134 -1.06 4.70 17.03
N PRO A 135 -0.35 5.26 17.66
N PRO A 135 -0.05 5.49 17.39
CA PRO A 135 -0.46 6.68 17.27
CA PRO A 135 -0.16 6.94 17.19
C PRO A 135 0.11 7.01 15.91
C PRO A 135 0.23 7.35 15.78
N VAL A 136 -0.50 8.02 15.30
N VAL A 136 -0.51 8.34 15.27
CA VAL A 136 -0.08 8.61 14.03
CA VAL A 136 -0.35 8.88 13.92
C VAL A 136 0.09 10.11 14.29
C VAL A 136 -0.26 10.41 14.03
N LYS A 137 1.15 10.69 13.76
N LYS A 137 0.90 10.96 13.67
CA LYS A 137 1.35 12.13 13.90
CA LYS A 137 1.09 12.40 13.69
C LYS A 137 0.28 12.90 13.14
C LYS A 137 -0.01 13.09 12.88
N PRO A 138 -0.41 13.83 13.76
N PRO A 138 -0.57 14.19 13.39
CA PRO A 138 -1.52 14.50 13.05
CA PRO A 138 -1.74 14.78 12.70
C PRO A 138 -1.09 15.07 11.69
C PRO A 138 -1.43 15.42 11.34
N TYR A 139 0.07 15.70 11.61
N TYR A 139 -0.19 15.80 11.08
CA TYR A 139 0.42 16.26 10.32
CA TYR A 139 0.11 16.47 9.81
C TYR A 139 0.83 15.22 9.29
C TYR A 139 0.60 15.52 8.74
N GLU A 140 1.01 13.95 9.68
N GLU A 140 0.67 14.21 9.04
CA GLU A 140 1.29 12.88 8.71
CA GLU A 140 1.00 13.18 8.07
C GLU A 140 0.05 12.21 8.14
C GLU A 140 -0.23 12.41 7.59
N VAL A 141 -1.14 12.52 8.64
N VAL A 141 -1.40 12.63 8.19
CA VAL A 141 -2.35 11.83 8.19
CA VAL A 141 -2.64 11.97 7.76
C VAL A 141 -2.51 11.97 6.67
C VAL A 141 -2.90 12.14 6.26
N PRO A 142 -2.24 13.13 6.03
N PRO A 142 -2.62 13.30 5.63
CA PRO A 142 -2.37 13.17 4.56
CA PRO A 142 -2.73 13.33 4.15
C PRO A 142 -1.49 12.18 3.82
C PRO A 142 -1.78 12.38 3.44
N MET A 143 -0.40 11.69 4.41
N MET A 143 -0.66 12.02 4.08
CA MET A 143 0.52 10.80 3.72
CA MET A 143 0.34 11.16 3.47
C MET A 143 0.30 9.31 4.07
C MET A 143 0.18 9.68 3.82
N THR A 144 -0.80 8.96 4.73
N THR A 144 -0.99 9.25 4.31
CA THR A 144 -0.91 7.59 5.21
CA THR A 144 -1.12 7.87 4.79
C THR A 144 -1.01 6.61 4.04
C THR A 144 -1.02 6.85 3.66
N ALA A 145 -1.88 6.87 3.04
N ALA A 145 -1.87 7.01 2.64
CA ALA A 145 -1.95 5.97 1.89
CA ALA A 145 -1.88 6.06 1.54
C ALA A 145 -0.63 5.96 1.12
C ALA A 145 -0.53 6.02 0.82
N ALA A 146 -0.03 7.15 0.90
N ALA A 146 0.13 7.17 0.70
CA ALA A 146 1.24 7.21 0.18
CA ALA A 146 1.41 7.21 -0.01
C ALA A 146 2.30 6.33 0.83
C ALA A 146 2.50 6.52 0.81
N GLY A 147 2.45 6.44 2.16
N GLY A 147 2.51 6.73 2.13
CA GLY A 147 3.44 5.63 2.87
CA GLY A 147 3.38 5.92 2.98
C GLY A 147 3.15 4.13 2.82
C GLY A 147 3.03 4.46 2.99
N ALA A 148 1.86 3.76 2.87
N ALA A 148 1.84 4.11 2.52
CA ALA A 148 1.53 2.33 2.80
CA ALA A 148 1.41 2.71 2.44
C ALA A 148 1.88 1.74 1.44
C ALA A 148 1.81 2.08 1.11
N LEU A 149 1.54 2.45 0.36
N LEU A 149 1.58 2.80 0.02
CA LEU A 149 1.96 1.99 -0.98
CA LEU A 149 2.08 2.34 -1.27
C LEU A 149 3.48 1.88 -1.10
C LEU A 149 3.60 2.34 -1.31
N GLN A 150 4.22 2.84 -0.56
N GLN A 150 4.23 3.31 -0.66
CA GLN A 150 5.68 2.82 -0.74
CA GLN A 150 5.68 3.45 -0.79
C GLN A 150 6.29 1.63 0.00
C GLN A 150 6.41 2.33 -0.06
N SER A 151 5.76 1.32 1.20
N SER A 151 5.85 1.82 1.04
CA SER A 151 6.25 0.18 1.97
CA SER A 151 6.46 0.69 1.74
C SER A 151 6.07 -1.10 1.19
C SER A 151 6.26 -0.62 0.96
N TYR A 152 4.88 -1.30 0.61
N TYR A 152 5.00 -0.98 0.66
CA TYR A 152 4.60 -2.55 -0.07
CA TYR A 152 4.71 -2.23 -0.05
C TYR A 152 5.41 -2.65 -1.37
C TYR A 152 5.39 -2.29 -1.43
N LYS A 153 5.57 -1.52 -2.08
N LYS A 153 5.78 -1.15 -1.97
CA LYS A 153 6.38 -1.51 -3.30
CA LYS A 153 6.43 -1.16 -3.29
C LYS A 153 7.81 -1.97 -3.02
C LYS A 153 7.91 -1.51 -3.17
N LEU A 154 8.45 -1.41 -1.97
N LEU A 154 8.51 -1.16 -2.05
CA LEU A 154 9.82 -1.82 -1.66
CA LEU A 154 9.89 -1.57 -1.81
C LEU A 154 9.87 -3.33 -1.36
C LEU A 154 9.95 -3.06 -1.51
N ALA A 155 8.90 -3.83 -0.62
N ALA A 155 9.04 -3.54 -0.65
CA ALA A 155 8.84 -5.26 -0.32
CA ALA A 155 8.97 -4.96 -0.37
C ALA A 155 8.58 -6.07 -1.59
C ALA A 155 8.81 -5.77 -1.66
N ALA A 156 7.77 -5.52 -2.51
N ALA A 156 8.03 -5.24 -2.62
CA ALA A 156 7.51 -6.23 -3.75
CA ALA A 156 7.77 -5.97 -3.86
C ALA A 156 8.78 -6.29 -4.60
C ALA A 156 8.98 -5.94 -4.78
N LYS A 157 9.60 -5.24 -4.59
N LYS A 157 9.83 -4.91 -4.64
CA LYS A 157 10.87 -5.29 -5.32
CA LYS A 157 11.12 -4.92 -5.33
C LYS A 157 11.80 -6.30 -4.69
C LYS A 157 12.01 -6.04 -4.80
N ALA A 158 11.83 -6.38 -3.36
N ALA A 158 12.11 -6.15 -3.47
CA ALA A 158 12.62 -7.40 -2.69
CA ALA A 158 12.89 -7.22 -2.87
C ALA A 158 12.19 -8.79 -3.11
C ALA A 158 12.42 -8.60 -3.34
N ILE A 159 10.88 -9.01 -3.21
N ILE A 159 11.11 -8.75 -3.58
CA ILE A 159 10.38 -10.32 -3.61
CA ILE A 159 10.58 -10.06 -3.90
C ILE A 159 10.93 -10.72 -4.98
C ILE A 159 11.02 -10.51 -5.29
N THR A 160 10.93 -9.79 -5.94
N THR A 160 11.28 -9.55 -6.19
CA THR A 160 11.47 -10.11 -7.27
CA THR A 160 11.71 -9.91 -7.54
C THR A 160 12.97 -10.39 -7.25
C THR A 160 13.21 -10.15 -7.63
N ARG A 161 13.75 -9.74 -6.38
N ARG A 161 14.00 -9.41 -6.84
CA ARG A 161 15.16 -10.09 -6.29
CA ARG A 161 15.43 -9.70 -6.75
C ARG A 161 15.38 -11.48 -5.72
C ARG A 161 15.67 -11.07 -6.15
N LEU A 162 14.58 -11.90 -4.73
N LEU A 162 14.84 -11.45 -5.17
CA LEU A 162 14.71 -13.29 -4.28
CA LEU A 162 14.91 -12.80 -4.62
C LEU A 162 14.39 -14.29 -5.39
C LEU A 162 14.61 -13.85 -5.69
N GLN A 163 13.34 -14.02 -6.16
N GLN A 163 13.46 -13.73 -6.37
CA GLN A 163 12.86 -14.93 -7.20
CA GLN A 163 12.99 -14.79 -7.26
C GLN A 163 13.91 -15.08 -8.31
C GLN A 163 13.87 -14.93 -8.50
N SER A 164 14.60 -14.01 -8.64
N SER A 164 14.56 -13.87 -8.89
CA SER A 164 15.54 -14.07 -9.74
CA SER A 164 15.48 -13.92 -10.01
C SER A 164 16.84 -14.77 -9.37
C SER A 164 16.86 -14.46 -9.62
N LEU A 165 16.97 -15.25 -8.14
N LEU A 165 16.99 -15.07 -8.44
CA LEU A 165 18.19 -15.93 -7.72
CA LEU A 165 18.29 -15.56 -8.02
C LEU A 165 18.31 -17.31 -8.36
C LEU A 165 18.58 -16.90 -8.67
N PRO A 166 19.47 -17.64 -8.90
N PRO A 166 19.84 -17.19 -9.00
CA PRO A 166 19.74 -19.04 -9.26
CA PRO A 166 20.17 -18.55 -9.41
C PRO A 166 19.55 -19.91 -8.04
C PRO A 166 19.97 -19.49 -8.24
N SER A 167 18.84 -21.00 -8.23
N SER A 167 19.24 -20.57 -8.47
CA SER A 167 18.66 -21.90 -7.10
CA SER A 167 19.00 -21.54 -7.43
C SER A 167 19.98 -22.61 -6.77
C SER A 167 20.29 -22.30 -7.11
N GLY A 168 19.97 -23.32 -5.63
N GLY A 168 20.31 -22.93 -5.94
CA GLY A 168 21.09 -24.13 -5.17
CA GLY A 168 21.41 -23.79 -5.56
C GLY A 168 21.93 -23.56 -4.01
C GLY A 168 22.39 -23.23 -4.56
N SER A 169 22.07 -22.23 -3.89
N SER A 169 21.99 -22.25 -3.74
CA SER A 169 22.92 -21.69 -2.81
CA SER A 169 22.87 -21.72 -2.69
C SER A 169 22.09 -21.10 -1.67
C SER A 169 22.01 -21.07 -1.60
N MET A 170 21.94 -21.87 -0.59
N MET A 170 21.86 -21.79 -0.48
CA MET A 170 21.29 -21.37 0.62
CA MET A 170 21.21 -21.21 0.68
C MET A 170 21.98 -20.13 1.15
C MET A 170 21.97 -19.99 1.18
N GLU A 171 23.31 -20.05 1.01
N GLU A 171 23.28 -19.95 0.96
CA GLU A 171 24.04 -18.89 1.50
CA GLU A 171 24.07 -18.81 1.42
C GLU A 171 23.57 -17.63 0.77
C GLU A 171 23.73 -17.56 0.63
N ARG A 172 23.55 -17.68 -0.57
N ARG A 172 23.51 -17.71 -0.69
CA ARG A 172 23.13 -16.53 -1.37
CA ARG A 172 23.17 -16.57 -1.52
C ARG A 172 21.70 -16.13 -1.04
C ARG A 172 21.75 -16.08 -1.24
N LEU A 173 20.81 -17.11 -0.86
N LEU A 173 20.83 -17.00 -0.94
CA LEU A 173 19.41 -16.80 -0.58
CA LEU A 173 19.47 -16.63 -0.60
C LEU A 173 19.32 -16.04 0.75
C LEU A 173 19.40 -15.77 0.65
N CYS A 174 20.03 -16.54 1.78
N CYS A 174 20.01 -16.25 1.74
CA CYS A 174 19.95 -15.91 3.09
CA CYS A 174 19.95 -15.51 3.01
C CYS A 174 20.67 -14.57 3.14
C CYS A 174 20.68 -14.18 2.92
N ASP A 175 21.80 -14.42 2.43
N ASP A 175 21.88 -14.19 2.34
CA ASP A 175 22.47 -13.13 2.39
CA ASP A 175 22.70 -12.98 2.21
C ASP A 175 21.57 -12.08 1.76
C ASP A 175 21.96 -11.86 1.51
N THR A 176 20.83 -12.47 0.72
N THR A 176 21.15 -12.19 0.50
CA THR A 176 19.97 -11.53 0.02
CA THR A 176 20.38 -11.18 -0.18
C THR A 176 18.80 -11.10 0.91
C THR A 176 19.22 -10.70 0.71
N MET A 177 18.20 -12.07 1.62
N MET A 177 18.46 -11.65 1.25
CA MET A 177 17.10 -11.77 2.52
CA MET A 177 17.32 -11.31 2.11
C MET A 177 17.51 -10.75 3.57
C MET A 177 17.74 -10.38 3.25
N VAL A 178 18.66 -10.94 4.25
N VAL A 178 18.76 -10.78 4.01
CA VAL A 178 19.05 -10.02 5.30
CA VAL A 178 19.18 -9.96 5.14
C VAL A 178 19.38 -8.64 4.74
C VAL A 178 19.68 -8.61 4.64
N GLN A 179 20.03 -8.58 3.57
N GLN A 179 20.17 -8.55 3.42
CA GLN A 179 20.30 -7.29 2.93
CA GLN A 179 20.58 -7.26 2.87
C GLN A 179 19.00 -6.52 2.67
C GLN A 179 19.38 -6.49 2.32
N GLU A 180 18.01 -7.18 2.05
N GLU A 180 18.42 -7.21 1.71
CA GLU A 180 16.75 -6.52 1.73
CA GLU A 180 17.16 -6.60 1.31
C GLU A 180 16.04 -6.04 3.01
C GLU A 180 16.42 -6.04 2.52
N VAL A 181 15.99 -6.88 4.05
N VAL A 181 16.29 -6.85 3.59
CA VAL A 181 15.32 -6.49 5.28
CA VAL A 181 15.65 -6.36 4.81
C VAL A 181 16.05 -5.32 5.92
C VAL A 181 16.46 -5.20 5.36
N PHE A 182 17.37 -5.38 5.91
N PHE A 182 17.78 -5.31 5.32
CA PHE A 182 18.17 -4.28 6.45
CA PHE A 182 18.66 -4.31 5.89
C PHE A 182 17.80 -2.96 5.76
C PHE A 182 18.46 -2.93 5.27
N GLU A 183 17.74 -2.98 4.43
N GLU A 183 17.99 -2.88 4.03
CA GLU A 183 17.42 -1.75 3.70
CA GLU A 183 17.72 -1.61 3.40
C GLU A 183 15.98 -1.32 3.91
C GLU A 183 16.27 -1.17 3.57
N LEU A 184 15.08 -2.28 4.02
N LEU A 184 15.37 -2.13 3.76
CA LEU A 184 13.68 -1.94 4.20
CA LEU A 184 13.95 -1.83 3.96
C LEU A 184 13.41 -1.37 5.59
C LEU A 184 13.69 -1.23 5.34
N THR A 185 14.05 -1.92 6.63
N THR A 185 14.23 -1.84 6.40
CA THR A 185 13.63 -1.65 8.01
CA THR A 185 13.93 -1.41 7.77
C THR A 185 14.50 -0.62 8.73
C THR A 185 14.85 -0.33 8.28
N GLY A 186 15.76 -0.46 8.30
N GLY A 186 16.14 -0.42 7.96
CA GLY A 186 16.64 0.51 8.91
CA GLY A 186 17.10 0.56 8.44
C GLY A 186 17.21 0.15 10.28
C GLY A 186 17.57 0.38 9.86
N TYR A 187 17.16 -1.13 10.67
N TYR A 187 17.39 -0.80 10.45
CA TYR A 187 17.73 -1.55 11.95
CA TYR A 187 17.96 -1.08 11.76
C TYR A 187 19.25 -1.68 11.84
C TYR A 187 19.48 -1.15 11.67
N ASP A 188 19.89 -1.63 13.02
N ASP A 188 20.13 -1.14 12.83
CA ASP A 188 21.36 -1.67 13.13
CA ASP A 188 21.59 -1.17 12.88
C ASP A 188 21.95 -3.02 12.70
C ASP A 188 22.17 -2.54 12.55
N ARG A 189 21.24 -4.13 12.91
N ARG A 189 21.33 -3.57 12.40
CA ARG A 189 21.77 -5.48 12.68
CA ARG A 189 21.82 -4.94 12.40
C ARG A 189 20.62 -6.35 12.18
C ARG A 189 20.69 -5.86 11.97
N VAL A 190 20.82 -7.12 11.11
N VAL A 190 20.95 -6.67 10.96
CA VAL A 190 19.83 -8.12 10.68
CA VAL A 190 20.02 -7.69 10.51
C VAL A 190 20.51 -9.46 10.48
C VAL A 190 20.76 -9.02 10.50
N MET A 191 19.98 -10.46 11.13
N MET A 191 20.12 -10.06 11.02
CA MET A 191 20.56 -11.79 11.07
CA MET A 191 20.69 -11.39 10.96
C MET A 191 19.46 -12.82 10.71
C MET A 191 19.59 -12.39 10.67
N ALA A 192 19.84 -13.89 10.01
N ALA A 192 20.00 -13.60 10.29
CA ALA A 192 19.04 -15.11 9.88
CA ALA A 192 19.10 -14.71 10.07
C ALA A 192 19.51 -16.17 10.86
C ALA A 192 19.41 -15.77 11.10
N TYR A 193 18.59 -16.65 11.68
N TYR A 193 18.38 -16.39 11.66
CA TYR A 193 18.84 -17.51 12.82
CA TYR A 193 18.57 -17.54 12.53
C TYR A 193 18.15 -18.84 12.55
C TYR A 193 18.09 -18.80 11.83
N LYS A 194 18.94 -19.89 12.29
N LYS A 194 18.90 -19.84 11.88
CA LYS A 194 18.40 -21.19 11.85
CA LYS A 194 18.47 -21.16 11.47
C LYS A 194 18.31 -22.17 13.03
C LYS A 194 18.32 -22.05 12.70
N PHE A 195 17.21 -22.90 13.11
N PHE A 195 17.25 -22.82 12.73
CA PHE A 195 17.05 -23.94 14.12
CA PHE A 195 17.00 -23.78 13.80
C PHE A 195 17.55 -25.29 13.62
C PHE A 195 17.44 -25.16 13.31
N HIS A 196 18.46 -25.90 14.39
N HIS A 196 18.38 -25.77 14.01
CA HIS A 196 18.97 -27.24 14.15
CA HIS A 196 18.81 -27.13 13.71
C HIS A 196 17.98 -28.28 14.68
C HIS A 196 17.77 -28.13 14.20
N GLU A 197 18.22 -29.55 14.33
N GLU A 197 18.10 -29.42 14.07
CA GLU A 197 17.33 -30.65 14.74
CA GLU A 197 17.18 -30.49 14.43
C GLU A 197 17.20 -30.76 16.25
C GLU A 197 17.03 -30.67 15.93
N ASP A 198 18.24 -30.39 17.02
N ASP A 198 18.02 -30.24 16.73
CA ASP A 198 18.14 -30.45 18.48
CA ASP A 198 17.86 -30.22 18.17
C ASP A 198 17.57 -29.16 19.08
C ASP A 198 17.30 -28.90 18.67
N ASP A 199 17.02 -28.28 18.23
N ASP A 199 16.88 -28.02 17.77
CA ASP A 199 16.41 -27.00 18.58
CA ASP A 199 16.23 -26.74 18.06
C ASP A 199 17.43 -25.93 19.00
C ASP A 199 17.19 -25.64 18.46
N HIS A 200 18.72 -26.23 18.99
N HIS A 200 18.50 -25.87 18.35
CA HIS A 200 19.65 -25.12 19.20
CA HIS A 200 19.44 -24.79 18.65
C HIS A 200 19.73 -24.32 17.90
C HIS A 200 19.64 -23.91 17.42
N GLY A 201 20.14 -23.07 18.02
N GLY A 201 20.02 -22.66 17.67
CA GLY A 201 20.16 -22.16 16.90
CA GLY A 201 20.04 -21.62 16.65
C GLY A 201 21.54 -21.72 16.47
C GLY A 201 21.43 -21.19 16.26
N GLU A 202 21.66 -21.29 15.21
N GLU A 202 21.59 -20.89 14.96
CA GLU A 202 22.90 -20.84 14.62
CA GLU A 202 22.85 -20.50 14.35
C GLU A 202 22.62 -19.61 13.76
C GLU A 202 22.61 -19.26 13.52
N VAL A 203 23.45 -18.57 13.90
N VAL A 203 23.49 -18.26 13.66
CA VAL A 203 23.39 -17.40 13.03
CA VAL A 203 23.41 -17.01 12.90
C VAL A 203 24.08 -17.72 11.70
C VAL A 203 24.04 -17.19 11.53
N ILE A 204 23.31 -17.87 10.62
N ILE A 204 23.24 -17.62 10.54
CA ILE A 204 23.88 -18.28 9.33
CA ILE A 204 23.82 -18.05 9.27
C ILE A 204 24.01 -17.14 8.31
C ILE A 204 23.90 -16.94 8.24
N ALA A 205 23.46 -15.96 8.59
N ALA A 205 23.48 -15.72 8.57
CA ALA A 205 23.64 -14.78 7.73
CA ALA A 205 23.58 -14.63 7.62
C ALA A 205 23.48 -13.52 8.57
C ALA A 205 23.37 -13.32 8.34
N GLU A 206 24.12 -12.43 8.14
N GLU A 206 24.18 -12.33 8.02
CA GLU A 206 24.10 -11.26 8.98
CA GLU A 206 24.13 -11.08 8.76
C GLU A 206 24.55 -10.04 8.20
C GLU A 206 24.70 -9.97 7.89
N ILE A 207 23.91 -8.90 8.45
N ILE A 207 24.20 -8.75 8.12
CA ILE A 207 24.42 -7.62 7.98
CA ILE A 207 24.82 -7.53 7.63
C ILE A 207 24.27 -6.63 9.11
C ILE A 207 24.55 -6.42 8.63
N THR A 208 25.28 -5.77 9.29
N THR A 208 25.57 -5.62 8.90
CA THR A 208 25.21 -4.74 10.31
CA THR A 208 25.54 -4.62 9.95
C THR A 208 25.70 -3.42 9.77
C THR A 208 26.07 -3.29 9.45
N LYS A 209 25.38 -2.33 10.50
N LYS A 209 25.68 -2.23 10.16
CA LYS A 209 26.07 -1.07 10.31
CA LYS A 209 26.31 -0.93 10.01
C LYS A 209 27.56 -1.22 10.63
C LYS A 209 27.74 -1.02 10.53
N PRO A 210 28.42 -0.38 10.04
N PRO A 210 28.66 -0.28 9.90
CA PRO A 210 29.86 -0.46 10.29
CA PRO A 210 30.08 -0.51 10.16
C PRO A 210 30.25 -0.30 11.76
C PRO A 210 30.47 -0.16 11.59
N GLY A 211 31.19 -1.13 12.19
N GLY A 211 31.27 -1.03 12.20
CA GLY A 211 31.78 -0.99 13.50
CA GLY A 211 31.77 -0.80 13.54
C GLY A 211 31.09 -1.81 14.56
C GLY A 211 31.21 -1.72 14.60
N LEU A 212 29.99 -2.46 14.22
N LEU A 212 30.14 -2.45 14.31
CA LEU A 212 29.33 -3.37 15.14
CA LEU A 212 29.54 -3.34 15.31
C LEU A 212 30.07 -4.70 15.10
C LEU A 212 30.12 -4.74 15.17
N GLU A 213 30.14 -5.38 16.24
N GLU A 213 30.38 -5.39 16.30
CA GLU A 213 30.77 -6.71 16.24
CA GLU A 213 30.85 -6.77 16.26
C GLU A 213 29.85 -7.73 15.58
C GLU A 213 29.85 -7.61 15.48
N PRO A 214 30.37 -8.59 14.71
N PRO A 214 30.30 -8.37 14.50
CA PRO A 214 29.49 -9.59 14.09
CA PRO A 214 29.39 -9.30 13.81
C PRO A 214 29.13 -10.68 15.09
C PRO A 214 29.17 -10.55 14.64
N TYR A 215 27.98 -11.32 14.87
N TYR A 215 27.96 -11.09 14.55
CA TYR A 215 27.64 -12.59 15.50
CA TYR A 215 27.58 -12.31 15.25
C TYR A 215 27.60 -13.76 14.53
C TYR A 215 27.50 -13.49 14.32
N LEU A 216 27.86 -13.54 13.24
N LEU A 216 27.94 -13.32 13.07
CA LEU A 216 27.79 -14.61 12.25
CA LEU A 216 27.77 -14.34 12.05
C LEU A 216 28.53 -15.87 12.70
C LEU A 216 28.42 -15.66 12.50
N GLY A 217 27.87 -17.02 12.59
N GLY A 217 27.84 -16.78 12.10
CA GLY A 217 28.49 -18.28 12.88
CA GLY A 217 28.35 -18.10 12.41
C GLY A 217 28.25 -18.79 14.28
C GLY A 217 28.17 -18.57 13.84
N LEU A 218 27.79 -17.94 15.21
N LEU A 218 27.79 -17.69 14.77
CA LEU A 218 27.69 -18.37 16.60
CA LEU A 218 27.56 -18.12 16.13
C LEU A 218 26.51 -19.33 16.80
C LEU A 218 26.42 -19.13 16.24
N HIS A 219 26.74 -20.33 17.63
N HIS A 219 26.56 -20.05 17.19
CA HIS A 219 25.72 -21.28 18.07
CA HIS A 219 25.51 -20.97 17.60
C HIS A 219 25.26 -20.92 19.48
C HIS A 219 25.05 -20.61 19.01
N TYR A 220 23.95 -21.04 19.72
N TYR A 220 23.81 -20.95 19.32
CA TYR A 220 23.31 -20.69 20.99
CA TYR A 220 23.33 -20.69 20.67
C TYR A 220 22.43 -21.83 21.46
C TYR A 220 22.32 -21.74 21.09
N PRO A 221 22.29 -22.00 22.78
N PRO A 221 22.23 -22.02 22.38
CA PRO A 221 21.51 -23.12 23.33
CA PRO A 221 21.43 -23.17 22.83
C PRO A 221 20.02 -23.02 23.00
C PRO A 221 19.95 -22.96 22.55
N ALA A 222 19.41 -24.20 22.86
N ALA A 222 19.22 -24.07 22.56
CA ALA A 222 17.96 -24.31 22.65
CA ALA A 222 17.78 -24.01 22.32
C ALA A 222 17.17 -23.53 23.70
C ALA A 222 17.05 -23.30 23.46
N THR A 223 17.65 -23.46 24.96
N THR A 223 17.54 -23.42 24.70
CA THR A 223 16.87 -22.84 26.03
CA THR A 223 16.82 -22.81 25.82
C THR A 223 16.75 -21.33 25.88
C THR A 223 16.86 -21.28 25.79
N ASP A 224 17.59 -20.70 25.05
N ASP A 224 17.61 -20.68 24.86
CA ASP A 224 17.45 -19.26 24.86
CA ASP A 224 17.58 -19.22 24.75
C ASP A 224 16.09 -18.90 24.27
C ASP A 224 16.25 -18.72 24.23
N ILE A 225 15.51 -19.80 23.48
N ILE A 225 15.49 -19.56 23.54
CA ILE A 225 14.18 -19.59 22.93
CA ILE A 225 14.16 -19.22 23.04
C ILE A 225 13.26 -20.74 23.34
C ILE A 225 13.21 -20.34 23.46
N PRO A 226 12.52 -20.57 24.43
N PRO A 226 12.40 -20.13 24.50
CA PRO A 226 11.65 -21.63 24.93
CA PRO A 226 11.47 -21.18 24.95
C PRO A 226 10.60 -22.05 23.90
C PRO A 226 10.41 -21.50 23.90
N GLN A 227 10.16 -23.30 24.05
N GLN A 227 9.84 -22.70 23.99
CA GLN A 227 9.19 -23.88 23.13
CA GLN A 227 8.96 -23.20 22.93
C GLN A 227 7.93 -23.01 23.07
C GLN A 227 7.70 -22.36 22.78
N ALA A 228 7.53 -22.41 24.20
N ALA A 228 7.19 -21.78 23.86
CA ALA A 228 6.33 -21.58 24.25
CA ALA A 228 6.01 -20.93 23.78
C ALA A 228 6.43 -20.38 23.31
C ALA A 228 6.29 -19.65 23.02
N SER A 229 7.61 -19.76 23.24
N SER A 229 7.50 -19.11 23.14
CA SER A 229 7.85 -18.67 22.29
CA SER A 229 7.83 -17.93 22.35
C SER A 229 7.79 -19.18 20.86
C SER A 229 7.95 -18.26 20.88
N ARG A 230 8.38 -20.35 20.61
N ARG A 230 8.25 -19.51 20.55
CA ARG A 230 8.34 -20.93 19.26
CA ARG A 230 8.37 -19.90 19.14
C ARG A 230 6.90 -21.17 18.82
C ARG A 230 6.99 -20.05 18.49
N PHE A 231 6.06 -21.67 19.73
N PHE A 231 6.01 -20.55 19.23
CA PHE A 231 4.68 -21.95 19.34
CA PHE A 231 4.65 -20.67 18.69
C PHE A 231 3.93 -20.67 19.00
C PHE A 231 4.02 -19.30 18.51
N LEU A 232 4.17 -19.58 19.75
N LEU A 232 4.37 -18.36 19.39
CA LEU A 232 3.52 -18.31 19.40
CA LEU A 232 3.85 -17.00 19.29
C LEU A 232 3.91 -17.85 18.00
C LEU A 232 4.49 -16.24 18.13
N PHE A 233 5.18 -18.03 17.61
N PHE A 233 5.79 -16.47 17.90
CA PHE A 233 5.64 -17.50 16.32
CA PHE A 233 6.45 -16.07 16.66
C PHE A 233 4.92 -18.16 15.15
C PHE A 233 5.75 -16.66 15.43
N MET A 234 4.32 -19.34 15.38
N MET A 234 5.24 -17.89 15.49
CA MET A 234 3.51 -20.01 14.38
CA MET A 234 4.53 -18.40 14.31
C MET A 234 2.30 -19.16 14.03
C MET A 234 3.16 -17.75 14.14
N LYS A 235 1.77 -18.44 15.03
N LYS A 235 2.50 -17.40 15.23
CA LYS A 235 0.52 -17.74 14.83
CA LYS A 235 1.14 -16.86 15.20
C LYS A 235 0.74 -16.26 14.57
C LYS A 235 1.09 -15.36 14.86
N ASN A 236 1.61 -15.64 15.35
N ASN A 236 1.98 -14.55 15.45
CA ASN A 236 1.96 -14.22 15.24
CA ASN A 236 1.98 -13.12 15.16
C ASN A 236 3.30 -14.08 14.55
C ASN A 236 2.63 -12.78 13.83
N LYS A 237 3.29 -13.82 13.26
N LYS A 237 3.44 -13.70 13.28
CA LYS A 237 4.47 -14.07 12.46
CA LYS A 237 4.14 -13.59 12.00
C LYS A 237 5.47 -12.92 12.56
C LYS A 237 5.24 -12.52 12.04
N VAL A 238 5.02 -11.74 13.02
N VAL A 238 4.94 -11.34 12.61
CA VAL A 238 5.87 -10.56 13.19
CA VAL A 238 5.87 -10.22 12.69
C VAL A 238 5.68 -10.01 14.59
C VAL A 238 5.62 -9.49 14.02
N ARG A 239 6.79 -9.79 15.30
N ARG A 239 6.65 -9.40 14.85
CA ARG A 239 6.77 -9.33 16.70
CA ARG A 239 6.59 -8.81 16.18
C ARG A 239 7.74 -8.17 16.84
C ARG A 239 7.64 -7.72 16.29
N MET A 240 7.27 -7.05 17.38
N MET A 240 7.32 -6.69 17.08
CA MET A 240 8.06 -5.84 17.58
CA MET A 240 8.13 -5.48 17.19
C MET A 240 8.16 -5.47 19.05
C MET A 240 8.35 -5.13 18.65
N ILE A 241 9.38 -5.15 19.50
N ILE A 241 9.59 -4.80 19.01
CA ILE A 241 9.64 -4.60 20.83
CA ILE A 241 9.93 -4.27 20.32
C ILE A 241 10.31 -3.23 20.67
C ILE A 241 10.55 -2.90 20.09
N VAL A 242 9.65 -2.17 21.13
N VAL A 242 9.99 -1.88 20.71
CA VAL A 242 10.19 -0.85 20.84
CA VAL A 242 10.40 -0.53 20.36
C VAL A 242 11.34 -0.50 21.78
C VAL A 242 11.44 -0.01 21.36
N ASP A 243 11.26 -0.89 23.06
N ASP A 243 11.37 -0.43 22.62
CA ASP A 243 12.26 -0.49 24.05
CA ASP A 243 12.25 0.08 23.66
C ASP A 243 12.20 -1.44 25.22
C ASP A 243 12.18 -0.92 24.82
N CYS A 244 13.20 -2.33 25.33
N CYS A 244 13.21 -1.78 24.93
CA CYS A 244 13.20 -3.33 26.40
CA CYS A 244 13.13 -2.85 25.93
C CYS A 244 13.17 -2.68 27.79
C CYS A 244 13.24 -2.32 27.36
N HIS A 245 13.56 -1.41 27.93
N HIS A 245 13.55 -1.04 27.56
CA HIS A 245 13.55 -0.79 29.24
CA HIS A 245 13.52 -0.42 28.88
C HIS A 245 12.26 -0.06 29.58
C HIS A 245 12.23 0.39 29.14
N ALA A 246 11.25 -0.11 28.71
N ALA A 246 11.25 0.32 28.23
CA ALA A 246 10.05 0.68 28.95
CA ALA A 246 9.97 0.98 28.45
C ALA A 246 9.24 0.08 30.09
C ALA A 246 9.21 0.32 29.60
N LYS A 247 8.54 0.92 30.82
N LYS A 247 8.56 1.16 30.41
CA LYS A 247 7.75 0.45 31.94
CA LYS A 247 7.78 0.62 31.51
C LYS A 247 6.42 -0.07 31.38
C LYS A 247 6.43 0.16 30.98
N HIS A 248 6.18 -1.36 31.54
N HIS A 248 6.08 -1.10 31.27
CA HIS A 248 4.96 -1.96 31.00
CA HIS A 248 4.94 -1.78 30.69
C HIS A 248 3.70 -1.51 31.73
C HIS A 248 3.62 -1.43 31.39
N VAL A 249 2.57 -1.72 31.05
N VAL A 249 2.52 -1.63 30.67
CA VAL A 249 1.26 -1.20 31.43
CA VAL A 249 1.20 -1.17 31.08
C VAL A 249 0.30 -2.37 31.54
C VAL A 249 0.26 -2.35 31.19
N ARG A 250 -0.52 -2.36 32.60
N ARG A 250 -0.55 -2.36 32.26
CA ARG A 250 -1.52 -3.40 32.85
CA ARG A 250 -1.44 -3.48 32.54
C ARG A 250 -2.78 -3.23 32.02
C ARG A 250 -2.78 -3.30 31.83
N VAL A 251 -3.36 -4.35 31.62
N VAL A 251 -3.41 -4.42 31.50
CA VAL A 251 -4.72 -4.39 31.06
CA VAL A 251 -4.73 -4.43 30.88
C VAL A 251 -5.71 -4.78 32.16
C VAL A 251 -5.75 -4.88 31.93
N LEU A 252 -6.74 -3.95 32.38
N LEU A 252 -6.77 -4.06 32.15
CA LEU A 252 -7.77 -4.22 33.37
CA LEU A 252 -7.77 -4.32 33.19
C LEU A 252 -8.97 -4.84 32.68
C LEU A 252 -9.07 -4.77 32.53
N GLN A 253 -9.53 -5.92 33.24
N GLN A 253 -9.64 -5.88 33.03
CA GLN A 253 -10.76 -6.49 32.71
CA GLN A 253 -10.91 -6.40 32.53
C GLN A 253 -11.80 -6.59 33.82
C GLN A 253 -11.86 -6.61 33.70
N ASP A 254 -13.06 -6.62 33.40
N ASP A 254 -13.16 -6.42 33.43
CA ASP A 254 -14.14 -6.93 34.33
CA ASP A 254 -14.18 -6.69 34.44
C ASP A 254 -13.93 -8.31 34.95
C ASP A 254 -14.11 -8.16 34.84
N GLU A 255 -13.98 -8.37 36.26
N GLU A 255 -13.95 -8.41 36.14
CA GLU A 255 -13.73 -9.59 37.00
CA GLU A 255 -13.65 -9.77 36.58
C GLU A 255 -14.84 -10.64 36.83
C GLU A 255 -14.86 -10.69 36.48
N LYS A 256 -16.00 -10.23 36.30
N LYS A 256 -16.06 -10.15 36.35
CA LYS A 256 -17.13 -11.13 36.12
CA LYS A 256 -17.26 -10.95 36.11
C LYS A 256 -17.24 -11.63 34.69
C LYS A 256 -17.36 -11.43 34.66
N LEU A 257 -16.34 -11.20 33.79
N LEU A 257 -16.32 -11.22 33.85
CA LEU A 257 -16.26 -11.74 32.44
CA LEU A 257 -16.31 -11.68 32.46
C LEU A 257 -16.15 -13.26 32.47
C LEU A 257 -16.22 -13.21 32.42
N PRO A 258 -17.07 -13.99 31.80
N PRO A 258 -17.11 -13.89 31.70
CA PRO A 258 -17.14 -15.46 31.94
CA PRO A 258 -17.18 -15.35 31.77
C PRO A 258 -16.00 -16.21 31.30
C PRO A 258 -16.11 -16.07 30.97
N PHE A 259 -14.97 -15.51 30.84
N PHE A 259 -15.09 -15.38 30.46
CA PHE A 259 -13.80 -16.16 30.26
CA PHE A 259 -13.96 -16.04 29.82
C PHE A 259 -12.56 -15.32 30.46
C PHE A 259 -12.74 -15.15 29.97
N ASP A 260 -11.39 -15.93 30.22
N ASP A 260 -11.56 -15.72 29.75
CA ASP A 260 -10.13 -15.23 30.37
CA ASP A 260 -10.32 -14.97 29.93
C ASP A 260 -9.74 -14.70 28.99
C ASP A 260 -9.93 -14.28 28.64
N LEU A 261 -9.53 -13.39 28.92
N LEU A 261 -9.53 -13.01 28.74
CA LEU A 261 -9.09 -12.73 27.68
CA LEU A 261 -9.15 -12.25 27.56
C LEU A 261 -7.59 -12.96 27.45
C LEU A 261 -7.67 -12.46 27.27
N THR A 262 -7.25 -13.60 26.32
N THR A 262 -7.37 -13.05 26.11
CA THR A 262 -5.85 -13.77 25.94
CA THR A 262 -6.00 -13.38 25.73
C THR A 262 -5.34 -12.59 25.10
C THR A 262 -5.43 -12.30 24.82
N LEU A 263 -4.06 -12.25 25.30
N LEU A 263 -4.26 -11.78 25.19
CA LEU A 263 -3.39 -11.20 24.56
CA LEU A 263 -3.55 -10.81 24.37
C LEU A 263 -2.36 -11.70 23.57
C LEU A 263 -2.44 -11.42 23.54
N CYS A 264 -2.30 -13.02 23.33
N CYS A 264 -2.50 -12.74 23.28
CA CYS A 264 -1.28 -13.57 22.44
CA CYS A 264 -1.49 -13.41 22.47
C CYS A 264 -1.25 -12.86 21.09
C CYS A 264 -1.22 -12.65 21.17
N GLY A 265 -2.38 -12.36 20.65
N GLY A 265 -2.27 -12.27 20.46
CA GLY A 265 -2.48 -11.82 19.31
CA GLY A 265 -2.08 -11.76 19.11
C GLY A 265 -2.27 -10.34 19.22
C GLY A 265 -2.12 -10.25 18.98
N SER A 266 -1.99 -9.68 20.34
N SER A 266 -1.62 -9.53 19.97
CA SER A 266 -1.84 -8.23 20.32
CA SER A 266 -1.79 -8.08 20.00
C SER A 266 -0.49 -7.81 19.76
C SER A 266 -0.47 -7.38 19.72
N THR A 267 -0.49 -6.79 18.90
N THR A 267 -0.48 -6.45 18.76
CA THR A 267 0.78 -6.19 18.47
CA THR A 267 0.80 -5.88 18.32
C THR A 267 1.55 -5.58 19.62
C THR A 267 1.50 -5.07 19.40
N LEU A 268 0.89 -5.34 20.76
N LEU A 268 0.86 -4.86 20.55
CA LEU A 268 1.44 -4.56 21.86
CA LEU A 268 1.45 -4.11 21.64
C LEU A 268 1.95 -5.42 23.02
C LEU A 268 2.10 -4.98 22.72
N ARG A 269 1.76 -6.74 22.98
N ARG A 269 1.84 -6.29 22.72
CA ARG A 269 2.10 -7.61 24.11
CA ARG A 269 2.18 -7.15 23.84
C ARG A 269 3.51 -7.35 24.62
C ARG A 269 3.60 -6.91 24.35
N ALA A 270 3.65 -7.24 25.95
N ALA A 270 3.76 -6.88 25.67
CA ALA A 270 4.94 -6.98 26.58
CA ALA A 270 5.06 -6.65 26.28
C ALA A 270 5.84 -8.22 26.51
C ALA A 270 5.94 -7.90 26.19
N PRO A 271 7.14 -8.04 26.36
N PRO A 271 7.25 -7.74 26.18
CA PRO A 271 8.06 -9.20 26.44
CA PRO A 271 8.13 -8.90 26.27
C PRO A 271 8.10 -9.74 27.86
C PRO A 271 8.19 -9.42 27.69
N HIS A 272 8.21 -11.06 27.98
N HIS A 272 8.54 -10.70 27.83
CA HIS A 272 8.53 -11.71 29.25
CA HIS A 272 8.85 -11.21 29.15
C HIS A 272 9.78 -11.10 29.90
C HIS A 272 10.08 -10.50 29.71
N SER A 273 9.76 -10.98 31.23
N SER A 273 10.00 -10.08 30.97
CA SER A 273 10.83 -10.27 31.96
CA SER A 273 11.05 -9.24 31.54
C SER A 273 12.21 -10.94 31.80
C SER A 273 12.44 -9.91 31.52
N CYS A 274 12.27 -12.25 31.61
N CYS A 274 12.53 -11.20 31.19
CA CYS A 274 13.55 -12.90 31.35
CA CYS A 274 13.84 -11.83 31.07
C CYS A 274 14.17 -12.33 30.07
C CYS A 274 14.52 -11.44 29.77
N HIS A 275 13.34 -12.23 29.01
N HIS A 275 13.75 -11.37 28.67
CA HIS A 275 13.81 -11.76 27.72
CA HIS A 275 14.33 -11.02 27.38
C HIS A 275 14.13 -10.26 27.75
C HIS A 275 14.71 -9.54 27.30
N ALA A 276 13.33 -9.45 28.46
N ALA A 276 13.97 -8.68 28.01
CA ALA A 276 13.66 -8.03 28.58
CA ALA A 276 14.31 -7.26 28.00
C ALA A 276 15.08 -7.89 29.11
C ALA A 276 15.63 -7.00 28.69
N GLN A 277 15.45 -8.75 30.06
N GLN A 277 16.02 -7.87 29.61
CA GLN A 277 16.81 -8.78 30.62
CA GLN A 277 17.31 -7.77 30.30
C GLN A 277 17.84 -9.33 29.66
C GLN A 277 18.45 -8.35 29.47
N TYR A 278 17.50 -10.41 28.96
N TYR A 278 18.20 -9.47 28.76
CA TYR A 278 18.36 -10.98 27.94
CA TYR A 278 19.22 -10.02 27.88
C TYR A 278 18.77 -9.91 26.91
C TYR A 278 19.50 -9.11 26.70
N MET A 279 17.80 -9.10 26.47
N MET A 279 18.49 -8.35 26.27
CA MET A 279 18.06 -8.06 25.47
CA MET A 279 18.66 -7.43 25.15
C MET A 279 19.04 -6.99 25.98
C MET A 279 19.60 -6.28 25.52
N ALA A 280 18.86 -6.52 27.22
N ALA A 280 19.53 -5.82 26.77
CA ALA A 280 19.72 -5.45 27.75
CA ALA A 280 20.34 -4.69 27.20
C ALA A 280 21.20 -5.85 27.74
C ALA A 280 21.82 -5.06 27.28
N ASN A 281 21.52 -7.07 28.15
N ASN A 281 22.12 -6.27 27.78
CA ASN A 281 22.92 -7.51 28.24
CA ASN A 281 23.51 -6.72 27.86
C ASN A 281 23.60 -7.58 26.87
C ASN A 281 24.13 -6.84 26.48
N MET A 282 22.83 -7.76 25.80
N MET A 282 23.32 -7.10 25.46
CA MET A 282 23.39 -7.86 24.46
CA MET A 282 23.76 -7.19 24.07
C MET A 282 23.22 -6.57 23.66
C MET A 282 23.76 -5.84 23.37
N ASP A 283 22.79 -5.49 24.32
N ASP A 283 23.38 -4.78 24.08
CA ASP A 283 22.70 -4.13 23.77
CA ASP A 283 23.22 -3.43 23.52
C ASP A 283 21.71 -4.05 22.62
C ASP A 283 22.14 -3.34 22.45
N SER A 284 20.77 -5.01 22.54
N SER A 284 21.17 -4.25 22.46
CA SER A 284 19.58 -4.85 21.73
CA SER A 284 20.04 -4.19 21.54
C SER A 284 18.43 -4.23 22.51
C SER A 284 18.84 -3.65 22.32
N ILE A 285 18.33 -2.91 22.44
N ILE A 285 18.35 -2.47 21.93
CA ILE A 285 17.27 -2.21 23.16
CA ILE A 285 17.26 -1.85 22.66
C ILE A 285 15.93 -2.45 22.47
C ILE A 285 15.90 -2.05 21.96
N ALA A 286 15.92 -2.52 21.12
N ALA A 286 15.92 -2.36 20.66
CA ALA A 286 14.71 -2.72 20.31
CA ALA A 286 14.69 -2.54 19.90
C ALA A 286 14.92 -3.91 19.40
C ALA A 286 14.92 -3.60 18.85
N SER A 287 13.82 -4.62 19.07
N SER A 287 13.87 -4.35 18.52
CA SER A 287 13.88 -5.71 18.10
CA SER A 287 14.01 -5.40 17.52
C SER A 287 12.62 -5.80 17.24
C SER A 287 12.79 -5.44 16.63
N LEU A 288 12.81 -6.46 16.09
N LEU A 288 12.90 -6.21 15.55
CA LEU A 288 11.76 -6.87 15.15
CA LEU A 288 11.80 -6.44 14.62
C LEU A 288 12.09 -8.28 14.69
C LEU A 288 12.01 -7.84 14.04
N VAL A 289 11.17 -9.23 14.91
N VAL A 289 11.13 -8.78 14.41
CA VAL A 289 11.40 -10.64 14.61
CA VAL A 289 11.34 -10.20 14.17
C VAL A 289 10.34 -11.15 13.64
C VAL A 289 10.32 -10.70 13.16
N MET A 290 10.78 -11.83 12.58
N MET A 290 10.79 -11.45 12.16
CA MET A 290 9.89 -12.45 11.60
CA MET A 290 9.93 -11.98 11.12
C MET A 290 10.05 -13.96 11.66
C MET A 290 10.14 -13.48 11.02
N ALA A 291 8.97 -14.68 11.90
N ALA A 291 9.09 -14.25 11.30
CA ALA A 291 8.96 -16.14 11.80
CA ALA A 291 9.24 -15.71 11.33
C ALA A 291 9.17 -16.61 10.36
C ALA A 291 9.31 -16.29 9.92
N VAL A 292 9.89 -17.73 10.20
N VAL A 292 9.97 -17.45 9.81
CA VAL A 292 10.05 -18.36 8.89
CA VAL A 292 10.17 -18.11 8.52
C VAL A 292 9.45 -19.76 9.01
C VAL A 292 9.58 -19.52 8.56
N VAL A 293 8.20 -19.91 8.56
N VAL A 293 8.27 -19.63 8.42
CA VAL A 293 7.46 -21.16 8.69
CA VAL A 293 7.55 -20.89 8.56
C VAL A 293 7.38 -21.81 7.31
C VAL A 293 7.53 -21.63 7.24
N VAL A 294 7.96 -23.02 7.19
N VAL A 294 7.72 -22.96 7.28
CA VAL A 294 7.94 -23.81 5.95
CA VAL A 294 7.79 -23.76 6.07
C VAL A 294 6.73 -24.71 5.96
C VAL A 294 6.61 -24.75 6.05
N ASN A 295 6.25 -25.08 4.76
N ASN A 295 6.08 -25.00 4.84
CA ASN A 295 5.02 -25.88 4.58
CA ASN A 295 4.92 -25.87 4.66
C ASN A 295 3.86 -25.18 5.27
C ASN A 295 3.70 -25.32 5.40
N ASP A 296 3.79 -23.87 5.08
N ASP A 296 3.40 -24.04 5.18
CA ASP A 296 2.80 -23.06 5.76
CA ASP A 296 2.38 -23.33 5.95
C ASP A 296 1.43 -23.31 5.15
C ASP A 296 0.97 -23.70 5.52
N ARG A 311 3.16 -31.18 8.75
N ARG A 311 2.92 -30.54 8.50
CA ARG A 311 4.31 -30.78 7.92
CA ARG A 311 4.31 -30.33 8.12
C ARG A 311 4.90 -29.44 8.37
C ARG A 311 4.75 -28.88 8.38
N LYS A 312 4.05 -28.61 8.98
N LYS A 312 3.91 -28.12 9.07
CA LYS A 312 4.40 -27.27 9.47
CA LYS A 312 4.28 -26.77 9.48
C LYS A 312 5.45 -27.24 10.58
C LYS A 312 5.42 -26.82 10.50
N ARG A 313 6.52 -26.47 10.40
N ARG A 313 6.49 -26.09 10.23
CA ARG A 313 7.67 -26.48 11.29
CA ARG A 313 7.51 -25.89 11.26
C ARG A 313 8.31 -25.10 11.20
C ARG A 313 8.23 -24.57 11.02
N LEU A 314 8.72 -24.57 12.35
N LEU A 314 8.67 -23.98 12.12
CA LEU A 314 9.55 -23.35 12.43
CA LEU A 314 9.39 -22.71 12.13
C LEU A 314 11.00 -23.59 11.98
C LEU A 314 10.84 -22.97 11.74
N TRP A 315 11.32 -23.15 10.75
N TRP A 315 11.19 -22.64 10.49
CA TRP A 315 12.70 -23.29 10.27
CA TRP A 315 12.53 -22.96 9.99
C TRP A 315 13.67 -22.38 11.03
C TRP A 315 13.57 -22.02 10.56
N GLY A 316 13.24 -21.15 11.34
N GLY A 316 13.15 -20.84 10.99
CA GLY A 316 14.16 -20.16 11.85
CA GLY A 316 14.06 -19.87 11.52
C GLY A 316 13.48 -18.81 11.97
C GLY A 316 13.41 -18.51 11.53
N LEU A 317 14.31 -17.79 12.20
N LEU A 317 14.27 -17.50 11.57
CA LEU A 317 13.86 -16.42 12.41
CA LEU A 317 13.82 -16.15 11.78
C LEU A 317 14.74 -15.45 11.63
C LEU A 317 14.71 -15.23 10.98
N VAL A 318 14.12 -14.38 11.10
N VAL A 318 14.12 -14.12 10.53
CA VAL A 318 14.83 -13.17 10.70
CA VAL A 318 14.87 -12.97 10.06
C VAL A 318 14.73 -12.15 11.84
C VAL A 318 14.69 -11.87 11.10
N VAL A 319 15.87 -11.82 12.44
N VAL A 319 15.80 -11.30 11.56
CA VAL A 319 15.98 -11.06 13.69
CA VAL A 319 15.81 -10.51 12.78
C VAL A 319 16.61 -9.70 13.43
C VAL A 319 16.52 -9.19 12.55
N CYS A 320 15.91 -8.61 13.72
N CYS A 320 15.91 -8.12 13.07
CA CYS A 320 16.45 -7.27 13.60
CA CYS A 320 16.46 -6.78 13.03
C CYS A 320 16.68 -6.72 15.00
C CYS A 320 16.64 -6.30 14.45
N HIS A 321 17.85 -6.12 15.24
N HIS A 321 17.87 -5.98 14.82
CA HIS A 321 18.17 -5.49 16.53
CA HIS A 321 18.20 -5.36 16.10
C HIS A 321 18.57 -4.03 16.36
C HIS A 321 18.77 -3.98 15.83
N ASN A 322 18.27 -3.22 17.36
N ASN A 322 18.50 -3.07 16.76
CA ASN A 322 18.71 -1.85 17.37
CA ASN A 322 18.93 -1.69 16.67
C ASN A 322 19.33 -1.45 18.70
C ASN A 322 19.56 -1.33 18.00
N THR A 323 20.36 -0.60 18.64
N THR A 323 20.37 -0.26 18.02
CA THR A 323 21.06 -0.12 19.83
CA THR A 323 21.05 0.13 19.25
C THR A 323 20.23 0.86 20.63
C THR A 323 20.34 1.24 20.01
N THR A 324 19.31 1.54 19.97
N THR A 324 19.35 1.89 19.41
CA THR A 324 18.47 2.57 20.57
CA THR A 324 18.54 2.89 20.07
C THR A 324 17.03 2.17 20.31
C THR A 324 17.07 2.61 19.76
N PRO A 325 16.07 2.78 21.04
N PRO A 325 16.13 3.16 20.57
CA PRO A 325 14.65 2.48 20.80
CA PRO A 325 14.70 2.91 20.34
C PRO A 325 14.29 2.65 19.33
C PRO A 325 14.25 3.08 18.89
N ARG A 326 13.36 1.84 18.86
N ARG A 326 13.40 2.19 18.40
CA ARG A 326 12.94 1.93 17.47
CA ARG A 326 13.05 2.27 16.98
C ARG A 326 11.49 1.50 17.33
C ARG A 326 11.67 1.67 16.71
N PHE A 327 10.74 2.28 16.55
N PHE A 327 10.80 2.49 16.11
CA PHE A 327 9.36 1.98 16.23
CA PHE A 327 9.41 2.13 15.84
C PHE A 327 9.21 2.02 14.72
C PHE A 327 9.13 2.27 14.35
N VAL A 328 8.56 1.01 14.15
N VAL A 328 8.44 1.30 13.77
CA VAL A 328 8.16 1.12 12.74
CA VAL A 328 8.01 1.48 12.39
C VAL A 328 6.64 0.93 12.62
C VAL A 328 6.50 1.24 12.27
N PRO A 329 5.99 1.66 11.71
N PRO A 329 5.80 2.11 11.54
CA PRO A 329 4.52 1.67 11.68
CA PRO A 329 4.34 2.06 11.54
C PRO A 329 3.96 0.38 11.13
C PRO A 329 3.80 0.90 10.73
N PHE A 330 2.67 0.17 11.41
N PHE A 330 2.59 0.49 11.12
CA PHE A 330 2.05 -1.10 11.04
CA PHE A 330 2.03 -0.80 10.70
C PHE A 330 2.19 -1.44 9.55
C PHE A 330 2.02 -1.08 9.19
N PRO A 331 1.95 -0.51 8.59
N PRO A 331 1.85 -0.11 8.28
CA PRO A 331 2.02 -0.93 7.17
CA PRO A 331 1.82 -0.50 6.87
C PRO A 331 3.35 -1.54 6.79
C PRO A 331 3.10 -1.17 6.41
N LEU A 332 4.45 -1.04 7.35
N LEU A 332 4.25 -0.69 6.86
CA LEU A 332 5.73 -1.66 7.05
CA LEU A 332 5.52 -1.28 6.49
C LEU A 332 5.82 -3.08 7.65
C LEU A 332 5.62 -2.71 7.00
N ARG A 333 5.37 -3.27 8.89
N ARG A 333 5.56 -2.89 8.33
CA ARG A 333 5.39 -4.62 9.44
CA ARG A 333 5.48 -4.21 8.93
C ARG A 333 4.49 -5.56 8.64
C ARG A 333 4.52 -5.12 8.18
N TYR A 334 3.40 -5.04 8.10
N TYR A 334 3.37 -4.59 7.75
CA TYR A 334 2.50 -5.90 7.33
CA TYR A 334 2.44 -5.39 6.95
C TYR A 334 3.18 -6.33 6.04
C TYR A 334 3.10 -5.81 5.63
N ALA A 335 3.87 -5.39 5.37
N ALA A 335 3.80 -4.90 4.97
CA ALA A 335 4.62 -5.74 4.17
CA ALA A 335 4.44 -5.27 3.71
C ALA A 335 5.68 -6.79 4.47
C ALA A 335 5.57 -6.28 3.93
N CYS A 336 6.35 -6.67 5.63
N CYS A 336 6.29 -6.20 5.04
CA CYS A 336 7.40 -7.62 6.00
CA CYS A 336 7.29 -7.23 5.29
C CYS A 336 6.84 -9.02 6.18
C CYS A 336 6.64 -8.56 5.66
N GLU A 337 5.61 -9.11 6.66
N GLU A 337 5.39 -8.53 6.14
CA GLU A 337 4.97 -10.41 6.83
CA GLU A 337 4.69 -9.78 6.44
C GLU A 337 4.90 -11.16 5.50
C GLU A 337 4.56 -10.63 5.19
N PHE A 338 4.52 -10.46 4.41
N PHE A 338 4.59 -10.01 4.01
CA PHE A 338 4.41 -11.15 3.14
CA PHE A 338 4.58 -10.78 2.78
C PHE A 338 5.79 -11.53 2.61
C PHE A 338 5.99 -11.15 2.33
N LEU A 339 6.77 -10.62 2.77
N LEU A 339 6.96 -10.26 2.54
CA LEU A 339 8.13 -10.90 2.37
CA LEU A 339 8.31 -10.56 2.14
C LEU A 339 8.64 -12.16 3.07
C LEU A 339 8.83 -11.81 2.84
N ALA A 340 8.31 -12.31 4.35
N ALA A 340 8.41 -12.04 4.08
CA ALA A 340 8.74 -13.48 5.10
CA ALA A 340 8.82 -13.25 4.78
C ALA A 340 8.07 -14.74 4.57
C ALA A 340 8.26 -14.49 4.09
N GLN A 341 6.79 -14.66 4.16
N GLN A 341 6.97 -14.45 3.72
CA GLN A 341 6.16 -15.86 3.60
CA GLN A 341 6.32 -15.61 3.11
C GLN A 341 6.82 -16.30 2.29
C GLN A 341 7.00 -15.99 1.80
N VAL A 342 7.14 -15.34 1.43
N VAL A 342 7.38 -15.00 0.99
CA VAL A 342 7.80 -15.65 0.18
CA VAL A 342 8.07 -15.30 -0.25
C VAL A 342 9.18 -16.24 0.43
C VAL A 342 9.46 -15.85 0.04
N PHE A 343 9.95 -15.64 1.35
N PHE A 343 10.09 -15.38 1.11
CA PHE A 343 11.25 -16.20 1.76
CA PHE A 343 11.39 -15.92 1.47
C PHE A 343 11.10 -17.66 2.20
C PHE A 343 11.27 -17.36 1.97
N ALA A 344 10.09 -17.97 3.00
N ALA A 344 10.18 -17.68 2.69
CA ALA A 344 9.87 -19.32 3.47
CA ALA A 344 10.05 -19.06 3.18
C ALA A 344 9.71 -20.32 2.32
C ALA A 344 9.76 -20.03 2.03
N ILE A 345 9.02 -19.91 1.25
N ILE A 345 9.10 -19.56 0.98
CA ILE A 345 8.84 -20.79 0.10
CA ILE A 345 8.77 -20.41 -0.15
C ILE A 345 10.18 -21.13 -0.54
C ILE A 345 10.02 -20.77 -0.95
N HIS A 346 11.05 -20.13 -0.71
N HIS A 346 10.96 -19.84 -1.07
CA HIS A 346 12.34 -20.38 -1.34
CA HIS A 346 12.22 -20.19 -1.72
C HIS A 346 13.23 -21.24 -0.44
C HIS A 346 13.10 -21.06 -0.82
N VAL A 347 13.14 -21.08 0.88
N VAL A 347 13.06 -20.82 0.50
CA VAL A 347 13.87 -21.96 1.79
CA VAL A 347 13.84 -21.64 1.42
C VAL A 347 13.41 -23.38 1.58
C VAL A 347 13.42 -23.10 1.31
N ASN A 348 12.10 -23.58 1.52
N ASN A 348 12.12 -23.35 1.18
CA ASN A 348 11.56 -24.94 1.38
CA ASN A 348 11.61 -24.72 1.13
C ASN A 348 12.01 -25.59 0.09
C ASN A 348 12.00 -25.42 -0.17
N LYS A 349 12.04 -24.79 -0.99
N LYS A 349 12.06 -24.67 -1.28
CA LYS A 349 12.56 -25.24 -2.28
CA LYS A 349 12.55 -25.26 -2.53
C LYS A 349 14.03 -25.69 -2.19
C LYS A 349 13.96 -25.80 -2.36
N GLU A 350 14.86 -24.89 -1.52
N GLU A 350 14.87 -24.95 -1.86
CA GLU A 350 16.29 -25.21 -1.41
CA GLU A 350 16.25 -25.36 -1.67
C GLU A 350 16.54 -26.56 -0.74
C GLU A 350 16.37 -26.60 -0.80
N ILE A 351 15.77 -26.88 0.29
N ILE A 351 15.47 -26.77 0.16
CA ILE A 351 15.95 -28.17 0.94
CA ILE A 351 15.56 -27.92 1.05
C ILE A 351 15.75 -29.30 -0.07
C ILE A 351 15.26 -29.21 0.29
N GLU A 352 14.61 -29.27 -0.75
CA GLU A 352 14.22 -30.23 -1.77
C GLU A 352 15.14 -30.24 -3.00
N ALA B 20 0.15 16.20 -36.21
CA ALA B 20 -1.11 16.79 -35.77
C ALA B 20 -1.53 16.27 -34.39
N TYR B 21 -1.49 14.95 -34.21
CA TYR B 21 -1.95 14.33 -32.97
C TYR B 21 -1.13 14.79 -31.76
N LEU B 22 0.19 14.95 -31.94
CA LEU B 22 1.05 15.15 -30.77
C LEU B 22 0.80 16.51 -30.10
N HIS B 23 0.62 17.57 -30.91
CA HIS B 23 0.30 18.90 -30.39
C HIS B 23 -0.90 18.87 -29.46
N HIS B 24 -1.99 18.24 -29.91
CA HIS B 24 -3.24 18.34 -29.16
C HIS B 24 -3.20 17.44 -27.95
N MET B 25 -2.41 16.36 -28.00
CA MET B 25 -2.30 15.49 -26.83
C MET B 25 -1.34 16.06 -25.79
N GLN B 26 -0.24 16.68 -26.26
CA GLN B 26 0.70 17.28 -25.32
C GLN B 26 0.07 18.42 -24.54
N LYS B 27 -0.63 19.35 -25.23
CA LYS B 27 -1.23 20.46 -24.51
C LYS B 27 -2.28 19.96 -23.51
N GLY B 28 -3.11 19.02 -23.92
CA GLY B 28 -4.01 18.37 -22.97
C GLY B 28 -5.02 19.31 -22.36
N LYS B 29 -5.60 20.22 -23.15
N LYS B 29 -6.18 20.49 -23.90
CA LYS B 29 -6.48 21.26 -22.63
CA LYS B 29 -6.72 21.34 -22.83
C LYS B 29 -7.88 20.79 -22.27
C LYS B 29 -8.08 20.87 -22.39
N MET B 30 -8.24 19.53 -22.59
N MET B 30 -8.36 19.61 -22.69
CA MET B 30 -9.52 18.96 -22.23
CA MET B 30 -9.61 18.98 -22.30
C MET B 30 -9.28 17.80 -21.26
C MET B 30 -9.27 17.91 -21.26
N ILE B 31 -10.06 17.75 -20.17
N ILE B 31 -10.16 17.73 -20.27
CA ILE B 31 -9.95 16.67 -19.20
CA ILE B 31 -10.02 16.68 -19.28
C ILE B 31 -11.28 15.94 -19.07
C ILE B 31 -11.39 16.07 -19.03
N GLN B 32 -11.21 14.71 -18.53
N GLN B 32 -11.36 14.82 -18.58
CA GLN B 32 -12.44 14.03 -18.16
CA GLN B 32 -12.59 14.11 -18.27
C GLN B 32 -13.06 14.66 -16.91
C GLN B 32 -13.18 14.59 -16.93
N PRO B 33 -14.39 14.66 -16.80
N PRO B 33 -14.51 14.52 -16.76
CA PRO B 33 -15.04 15.36 -15.70
CA PRO B 33 -15.12 15.23 -15.65
C PRO B 33 -15.05 14.61 -14.37
C PRO B 33 -15.43 14.39 -14.41
N PHE B 34 -14.54 13.37 -14.27
N PHE B 34 -14.67 13.30 -14.20
CA PHE B 34 -14.57 12.66 -12.99
CA PHE B 34 -14.66 12.59 -12.92
C PHE B 34 -13.71 13.36 -11.93
C PHE B 34 -13.66 13.15 -11.91
N GLY B 35 -12.72 14.16 -12.34
N GLY B 35 -12.78 14.05 -12.31
CA GLY B 35 -11.85 14.87 -11.42
CA GLY B 35 -11.98 14.73 -11.31
C GLY B 35 -11.67 16.31 -11.88
C GLY B 35 -11.77 16.17 -11.69
N CYS B 36 -10.82 17.04 -11.15
N CYS B 36 -10.76 16.81 -11.10
CA CYS B 36 -10.47 18.38 -11.56
CA CYS B 36 -10.40 18.14 -11.60
C CYS B 36 -8.96 18.55 -11.42
C CYS B 36 -8.89 18.41 -11.48
N LEU B 37 -8.41 19.58 -12.07
N LEU B 37 -8.45 19.41 -12.23
CA LEU B 37 -6.97 19.79 -12.16
CA LEU B 37 -7.05 19.71 -12.46
C LEU B 37 -6.60 21.20 -11.70
C LEU B 37 -6.76 21.13 -12.01
N LEU B 38 -5.47 21.35 -10.99
N LEU B 38 -5.61 21.32 -11.34
CA LEU B 38 -4.80 22.64 -10.76
CA LEU B 38 -5.09 22.61 -10.92
C LEU B 38 -3.35 22.54 -11.20
C LEU B 38 -3.60 22.66 -11.18
N ALA B 39 -2.81 23.65 -11.73
N ALA B 39 -3.13 23.69 -11.87
CA ALA B 39 -1.35 23.82 -11.89
CA ALA B 39 -1.70 23.85 -12.00
C ALA B 39 -0.86 24.99 -11.04
C ALA B 39 -1.28 25.06 -11.21
N LEU B 40 0.27 24.80 -10.39
N LEU B 40 -0.11 24.98 -10.60
CA LEU B 40 0.87 25.79 -9.51
CA LEU B 40 0.38 26.02 -9.74
C LEU B 40 2.27 26.24 -9.92
C LEU B 40 1.78 26.41 -10.21
N ASP B 41 2.53 27.52 -9.73
N ASP B 41 2.18 27.61 -9.83
CA ASP B 41 3.89 28.03 -9.88
CA ASP B 41 3.55 28.03 -10.07
C ASP B 41 4.71 27.53 -8.71
C ASP B 41 4.41 27.48 -8.94
N GLU B 42 5.80 26.83 -9.01
N GLU B 42 5.55 26.88 -9.30
CA GLU B 42 6.70 26.36 -7.95
CA GLU B 42 6.38 26.20 -8.33
C GLU B 42 7.20 27.50 -7.06
C GLU B 42 6.87 27.14 -7.25
N LYS B 43 7.43 28.68 -7.63
N LYS B 43 7.23 28.37 -7.61
CA LYS B 43 8.04 29.74 -6.82
CA LYS B 43 7.82 29.30 -6.65
C LYS B 43 7.02 30.45 -5.93
C LYS B 43 6.79 29.83 -5.65
N THR B 44 5.77 30.60 -6.38
N THR B 44 5.69 30.43 -6.13
CA THR B 44 4.79 31.39 -5.66
CA THR B 44 4.69 31.13 -5.32
C THR B 44 3.74 30.54 -4.97
C THR B 44 3.65 30.22 -4.67
N CYS B 45 3.59 29.29 -5.38
N CYS B 45 3.38 29.05 -5.25
CA CYS B 45 2.59 28.37 -4.91
CA CYS B 45 2.31 28.15 -4.85
C CYS B 45 1.16 28.80 -5.25
C CYS B 45 0.92 28.76 -5.06
N LYS B 46 1.00 29.70 -6.21
N LYS B 46 0.72 29.37 -6.22
CA LYS B 46 -0.33 30.14 -6.58
CA LYS B 46 -0.52 30.03 -6.60
C LYS B 46 -0.80 29.48 -7.87
C LYS B 46 -1.03 29.50 -7.94
N VAL B 47 -2.10 29.49 -8.06
N VAL B 47 -2.35 29.34 -8.04
CA VAL B 47 -2.75 28.83 -9.19
CA VAL B 47 -2.95 28.69 -9.20
C VAL B 47 -2.43 29.57 -10.49
C VAL B 47 -2.60 29.45 -10.49
N ILE B 48 -1.87 28.86 -11.48
N ILE B 48 -2.00 28.74 -11.46
CA ILE B 48 -1.67 29.43 -12.81
CA ILE B 48 -1.72 29.33 -12.76
C ILE B 48 -2.50 28.74 -13.88
C ILE B 48 -2.50 28.68 -13.89
N ALA B 49 -3.18 27.64 -13.57
N ALA B 49 -3.43 27.76 -13.60
CA ALA B 49 -4.16 27.06 -14.48
CA ALA B 49 -4.33 27.15 -14.56
C ALA B 49 -5.13 26.21 -13.68
C ALA B 49 -5.29 26.21 -13.83
N TYR B 50 -6.37 26.11 -14.15
N TYR B 50 -6.56 26.18 -14.20
CA TYR B 50 -7.34 25.23 -13.50
CA TYR B 50 -7.56 25.44 -13.45
C TYR B 50 -8.38 24.76 -14.51
C TYR B 50 -8.56 24.83 -14.41
N SER B 51 -8.90 23.57 -14.29
N SER B 51 -9.11 23.68 -14.05
CA SER B 51 -10.03 23.12 -15.09
CA SER B 51 -10.07 23.07 -14.96
C SER B 51 -11.31 23.85 -14.64
C SER B 51 -11.43 23.71 -14.77
N GLU B 52 -12.25 24.03 -15.57
N GLU B 52 -12.28 23.61 -15.78
CA GLU B 52 -13.41 24.87 -15.28
CA GLU B 52 -13.51 24.39 -15.73
C GLU B 52 -14.34 24.27 -14.24
C GLU B 52 -14.38 23.99 -14.54
N ASN B 53 -14.25 22.99 -13.96
N ASN B 53 -14.37 22.71 -14.17
CA ASN B 53 -15.07 22.38 -12.95
CA ASN B 53 -15.22 22.24 -13.10
C ASN B 53 -14.42 22.46 -11.57
C ASN B 53 -14.57 22.34 -11.72
N ALA B 54 -13.20 22.96 -11.50
N ALA B 54 -13.35 22.90 -11.64
CA ALA B 54 -12.51 22.95 -10.22
CA ALA B 54 -12.69 22.99 -10.34
C ALA B 54 -13.17 23.88 -9.18
C ALA B 54 -13.52 23.80 -9.34
N PRO B 55 -13.65 25.10 -9.54
N PRO B 55 -13.92 25.05 -9.64
CA PRO B 55 -14.35 25.93 -8.53
CA PRO B 55 -14.55 25.87 -8.58
C PRO B 55 -15.50 25.18 -7.86
C PRO B 55 -15.86 25.28 -8.06
N GLU B 56 -16.28 24.44 -8.65
N GLU B 56 -16.68 24.70 -8.94
CA GLU B 56 -17.40 23.68 -8.11
CA GLU B 56 -17.85 23.97 -8.46
C GLU B 56 -16.96 22.52 -7.23
C GLU B 56 -17.49 22.77 -7.56
N MET B 57 -15.95 21.78 -7.66
N MET B 57 -16.39 22.07 -7.86
CA MET B 57 -15.55 20.61 -6.92
CA MET B 57 -16.01 20.87 -7.12
C MET B 57 -14.88 20.96 -5.61
C MET B 57 -15.32 21.14 -5.80
N LEU B 58 -14.06 22.01 -5.58
N LEU B 58 -14.51 22.19 -5.73
CA LEU B 58 -13.16 22.29 -4.48
CA LEU B 58 -13.57 22.37 -4.62
C LEU B 58 -13.61 23.39 -3.53
C LEU B 58 -13.99 23.42 -3.61
N THR B 59 -14.57 24.22 -3.91
N THR B 59 -14.82 24.39 -3.96
CA THR B 59 -15.07 25.35 -3.11
CA THR B 59 -15.27 25.40 -3.01
C THR B 59 -16.57 25.19 -2.89
C THR B 59 -16.79 25.30 -2.86
N MET B 60 -17.18 26.15 -2.22
N MET B 60 -17.35 26.23 -2.10
CA MET B 60 -18.62 26.08 -2.05
CA MET B 60 -18.80 26.31 -1.92
C MET B 60 -19.50 27.15 -2.65
C MET B 60 -19.33 27.33 -2.95
N VAL B 61 -19.83 26.92 -3.91
N VAL B 61 -19.82 26.82 -4.08
CA VAL B 61 -20.41 27.90 -4.86
CA VAL B 61 -20.60 27.62 -5.05
C VAL B 61 -21.86 27.43 -5.03
C VAL B 61 -21.82 26.83 -5.47
N PRO B 72 -12.81 34.11 -0.92
N PRO B 72 -12.90 33.83 -1.04
CA PRO B 72 -12.71 32.64 -0.89
CA PRO B 72 -12.74 32.37 -0.85
C PRO B 72 -13.06 31.92 -2.20
C PRO B 72 -12.86 31.58 -2.17
N ALA B 73 -12.73 32.53 -3.34
N ALA B 73 -12.83 32.29 -3.30
CA ALA B 73 -13.03 31.94 -4.65
CA ALA B 73 -13.12 31.73 -4.61
C ALA B 73 -11.83 31.15 -5.15
C ALA B 73 -11.86 31.10 -5.20
N LEU B 74 -11.92 30.63 -6.37
N LEU B 74 -11.98 30.56 -6.40
CA LEU B 74 -10.81 29.92 -6.99
CA LEU B 74 -10.87 29.92 -7.10
C LEU B 74 -10.59 30.56 -8.36
C LEU B 74 -10.76 30.50 -8.49
N GLY B 75 -9.39 31.08 -8.59
N GLY B 75 -9.59 31.06 -8.80
CA GLY B 75 -9.04 31.59 -9.89
CA GLY B 75 -9.25 31.42 -10.16
C GLY B 75 -7.55 31.71 -10.03
C GLY B 75 -7.75 31.53 -10.34
N ILE B 76 -7.12 32.36 -11.12
N ILE B 76 -7.30 32.20 -11.41
CA ILE B 76 -5.70 32.66 -11.29
CA ILE B 76 -5.86 32.48 -11.53
C ILE B 76 -5.21 33.47 -10.11
C ILE B 76 -5.49 33.47 -10.44
N GLY B 77 -4.13 33.03 -9.48
N GLY B 77 -4.43 33.16 -9.69
CA GLY B 77 -3.55 33.75 -8.38
CA GLY B 77 -4.13 33.98 -8.54
C GLY B 77 -3.98 33.26 -7.00
C GLY B 77 -4.26 33.26 -7.21
N THR B 78 -4.95 32.34 -6.94
N THR B 78 -5.29 32.44 -7.03
CA THR B 78 -5.41 31.84 -5.65
CA THR B 78 -5.57 31.81 -5.72
C THR B 78 -4.24 31.15 -4.94
C THR B 78 -4.34 31.17 -5.06
N ASP B 79 -4.12 31.39 -3.64
N ASP B 79 -4.13 31.48 -3.79
CA ASP B 79 -3.20 30.68 -2.75
CA ASP B 79 -3.22 30.72 -2.93
C ASP B 79 -3.83 29.38 -2.24
C ASP B 79 -3.94 29.46 -2.41
N ILE B 80 -3.10 28.26 -2.37
N ILE B 80 -3.21 28.36 -2.22
CA ILE B 80 -3.70 26.97 -1.98
CA ILE B 80 -3.94 27.12 -1.90
C ILE B 80 -3.94 26.85 -0.48
C ILE B 80 -4.31 26.98 -0.42
N LYS B 81 -3.30 27.68 0.35
N LYS B 81 -3.73 27.79 0.45
CA LYS B 81 -3.59 27.66 1.78
CA LYS B 81 -4.16 27.83 1.83
C LYS B 81 -5.00 28.12 2.11
C LYS B 81 -5.64 28.24 1.94
N THR B 82 -5.68 28.79 1.17
N THR B 82 -6.19 28.95 0.96
CA THR B 82 -7.09 29.18 1.38
CA THR B 82 -7.56 29.40 1.15
C THR B 82 -8.09 28.09 1.03
C THR B 82 -8.62 28.36 0.76
N LEU B 83 -7.68 27.00 0.40
N LEU B 83 -8.21 27.15 0.33
CA LEU B 83 -8.58 25.99 -0.15
CA LEU B 83 -9.17 26.15 -0.18
C LEU B 83 -8.70 24.75 0.73
C LEU B 83 -9.27 24.88 0.67
N PHE B 84 -7.64 24.37 1.43
N PHE B 84 -8.18 24.41 1.26
CA PHE B 84 -7.55 23.09 2.11
CA PHE B 84 -8.14 23.11 1.90
C PHE B 84 -7.27 23.32 3.59
C PHE B 84 -8.03 23.29 3.41
N THR B 85 -7.57 22.30 4.41
N THR B 85 -8.06 22.19 4.18
CA THR B 85 -7.22 22.32 5.82
CA THR B 85 -7.70 22.34 5.58
C THR B 85 -5.70 22.40 6.02
C THR B 85 -6.20 22.60 5.70
N ALA B 86 -5.33 22.82 7.24
N ALA B 86 -5.78 23.07 6.88
CA ALA B 86 -3.92 23.14 7.48
CA ALA B 86 -4.36 23.37 7.05
C ALA B 86 -3.00 21.95 7.22
C ALA B 86 -3.45 22.20 6.72
N PRO B 87 -3.28 20.74 7.69
N PRO B 87 -3.61 21.00 7.31
CA PRO B 87 -2.37 19.63 7.38
CA PRO B 87 -2.60 19.94 7.09
C PRO B 87 -2.30 19.30 5.90
C PRO B 87 -2.62 19.31 5.69
N SER B 88 -3.41 19.51 5.17
N SER B 88 -3.73 19.33 4.97
CA SER B 88 -3.46 19.23 3.74
CA SER B 88 -3.69 19.07 3.53
C SER B 88 -2.59 20.20 2.97
C SER B 88 -2.89 20.16 2.83
N ALA B 89 -2.80 21.50 3.22
N ALA B 89 -3.25 21.41 3.06
CA ALA B 89 -2.04 22.53 2.53
CA ALA B 89 -2.47 22.54 2.53
C ALA B 89 -0.55 22.35 2.78
C ALA B 89 -1.00 22.44 2.91
N SER B 90 -0.20 21.99 4.00
N SER B 90 -0.73 22.20 4.19
CA SER B 90 1.20 21.83 4.36
CA SER B 90 0.66 22.02 4.62
C SER B 90 1.81 20.65 3.64
C SER B 90 1.33 20.83 3.94
N ALA B 91 1.07 19.53 3.54
N ALA B 91 0.57 19.79 3.61
CA ALA B 91 1.59 18.37 2.81
CA ALA B 91 1.07 18.55 3.01
C ALA B 91 1.85 18.69 1.34
C ALA B 91 1.38 18.70 1.54
N LEU B 92 0.94 19.43 0.68
N LEU B 92 0.69 19.61 0.84
CA LEU B 92 1.17 19.79 -0.74
CA LEU B 92 0.99 19.95 -0.55
C LEU B 92 2.31 20.77 -0.86
C LEU B 92 2.30 20.72 -0.68
N GLN B 93 2.35 21.74 0.02
N GLN B 93 2.55 21.65 0.25
CA GLN B 93 3.42 22.72 -0.01
CA GLN B 93 3.71 22.52 0.09
C GLN B 93 4.74 21.99 0.16
C GLN B 93 5.01 21.75 0.30
N LYS B 94 4.78 21.00 1.03
N LYS B 94 4.98 20.67 1.07
CA LYS B 94 5.99 20.25 1.24
CA LYS B 94 6.18 19.87 1.23
C LYS B 94 6.40 19.44 0.00
C LYS B 94 6.61 19.25 -0.09
N ALA B 95 5.46 19.08 -0.87
N ALA B 95 5.65 18.91 -0.96
CA ALA B 95 5.83 18.33 -2.07
CA ALA B 95 5.97 18.27 -2.23
C ALA B 95 6.64 19.18 -3.03
C ALA B 95 6.76 19.17 -3.16
N LEU B 96 6.44 20.50 -3.01
N LEU B 96 6.52 20.49 -3.12
CA LEU B 96 7.19 21.39 -3.89
CA LEU B 96 7.33 21.41 -3.90
C LEU B 96 8.69 21.20 -3.71
C LEU B 96 8.81 21.07 -3.80
N GLY B 97 9.13 20.79 -2.52
N GLY B 97 9.27 20.75 -2.59
CA GLY B 97 10.54 20.68 -2.20
CA GLY B 97 10.66 20.46 -2.34
C GLY B 97 11.19 19.34 -2.45
C GLY B 97 11.15 19.14 -2.88
N PHE B 98 10.52 18.40 -3.12
N PHE B 98 10.30 18.10 -2.78
CA PHE B 98 11.12 17.13 -3.50
CA PHE B 98 10.65 16.79 -3.32
C PHE B 98 11.35 17.02 -5.00
C PHE B 98 10.88 16.86 -4.83
N ALA B 99 12.40 16.29 -5.38
N ALA B 99 12.02 16.33 -5.29
CA ALA B 99 12.56 15.89 -6.76
CA ALA B 99 12.21 16.06 -6.70
C ALA B 99 11.44 14.93 -7.15
C ALA B 99 11.30 14.91 -7.12
N GLU B 100 11.15 14.85 -8.45
N GLU B 100 11.22 14.65 -8.43
CA GLU B 100 9.98 14.09 -8.91
CA GLU B 100 10.33 13.61 -8.92
C GLU B 100 10.09 12.61 -8.54
C GLU B 100 10.91 12.19 -8.72
N VAL B 101 11.28 12.01 -8.74
N VAL B 101 12.05 12.06 -8.04
CA VAL B 101 11.52 10.63 -8.32
CA VAL B 101 12.52 10.78 -7.52
C VAL B 101 11.26 10.44 -6.84
C VAL B 101 12.15 10.60 -6.05
N LEU B 102 11.22 11.53 -6.07
N LEU B 102 11.35 11.54 -5.51
CA LEU B 102 11.03 11.46 -4.63
CA LEU B 102 10.84 11.49 -4.15
C LEU B 102 9.58 11.74 -4.23
C LEU B 102 9.35 11.83 -4.06
N LEU B 103 8.70 12.02 -5.20
N LEU B 103 8.62 11.86 -5.19
CA LEU B 103 7.28 12.23 -4.94
CA LEU B 103 7.21 12.24 -5.16
C LEU B 103 6.55 10.93 -4.54
C LEU B 103 6.36 11.05 -4.75
N LEU B 104 5.82 10.98 -3.43
N LEU B 104 5.51 11.27 -3.76
CA LEU B 104 4.98 9.87 -3.00
CA LEU B 104 4.68 10.21 -3.20
C LEU B 104 3.50 10.21 -3.18
C LEU B 104 3.22 10.64 -3.24
N ASN B 105 2.85 9.52 -4.09
N ASN B 105 2.48 9.98 -4.04
CA ASN B 105 1.44 9.76 -4.35
CA ASN B 105 1.09 10.08 -4.36
C ASN B 105 0.61 8.62 -3.74
C ASN B 105 0.33 8.86 -3.80
N PRO B 106 -0.70 8.83 -3.51
N PRO B 106 -0.92 9.01 -3.41
CA PRO B 106 -1.40 10.11 -3.58
CA PRO B 106 -1.71 10.25 -3.48
C PRO B 106 -1.35 10.80 -2.21
C PRO B 106 -1.68 11.00 -2.17
N VAL B 107 -1.73 12.06 -2.15
N VAL B 107 -1.82 12.31 -2.23
CA VAL B 107 -1.89 12.79 -0.90
CA VAL B 107 -2.02 13.10 -1.01
C VAL B 107 -3.38 12.87 -0.59
C VAL B 107 -3.52 13.23 -0.79
N LEU B 108 -3.78 12.60 0.65
N LEU B 108 -3.99 12.77 0.37
CA LEU B 108 -5.17 12.81 1.07
CA LEU B 108 -5.41 12.85 0.65
C LEU B 108 -5.38 14.22 1.59
C LEU B 108 -5.75 14.21 1.25
N ILE B 109 -6.18 15.01 0.87
N ILE B 109 -6.66 14.93 0.61
CA ILE B 109 -6.50 16.39 1.25
CA ILE B 109 -6.94 16.33 0.95
C ILE B 109 -7.98 16.49 1.60
C ILE B 109 -8.42 16.50 1.27
N HIS B 110 -8.31 17.45 2.44
N HIS B 110 -8.71 17.62 1.93
CA HIS B 110 -9.67 17.88 2.75
CA HIS B 110 -10.02 17.98 2.43
C HIS B 110 -9.89 19.33 2.37
C HIS B 110 -10.29 19.44 2.11
N CYS B 111 -11.05 19.61 1.75
N CYS B 111 -11.40 19.73 1.45
CA CYS B 111 -11.43 20.99 1.48
CA CYS B 111 -11.73 21.12 1.22
C CYS B 111 -11.79 21.72 2.77
C CYS B 111 -12.12 21.83 2.53
N LYS B 112 -11.41 22.99 2.82
N LYS B 112 -11.60 23.07 2.69
CA LYS B 112 -11.51 23.77 4.04
CA LYS B 112 -11.76 23.86 3.90
C LYS B 112 -12.97 23.97 4.45
C LYS B 112 -13.18 23.79 4.46
N THR B 113 -13.84 24.38 3.53
N THR B 113 -14.16 24.25 3.70
CA THR B 113 -15.22 24.70 3.92
CA THR B 113 -15.46 24.45 4.32
C THR B 113 -16.05 23.42 4.14
C THR B 113 -16.30 23.17 4.30
N SER B 114 -16.10 22.56 3.12
N SER B 114 -16.58 22.68 3.08
CA SER B 114 -16.98 21.42 3.03
CA SER B 114 -17.40 21.51 2.84
C SER B 114 -16.48 20.19 3.79
C SER B 114 -16.95 20.26 3.57
N GLY B 115 -15.18 20.11 4.07
N GLY B 115 -15.70 20.17 4.02
CA GLY B 115 -14.58 18.87 4.49
CA GLY B 115 -15.17 18.90 4.44
C GLY B 115 -14.47 17.78 3.43
C GLY B 115 -15.03 17.86 3.34
N LYS B 116 -14.76 18.07 2.16
N LYS B 116 -14.99 18.27 2.07
CA LYS B 116 -14.77 17.03 1.15
CA LYS B 116 -15.03 17.29 1.00
C LYS B 116 -13.36 16.46 0.95
C LYS B 116 -13.63 16.73 0.75
N PRO B 117 -13.19 15.14 0.91
N PRO B 117 -13.50 15.43 0.63
CA PRO B 117 -11.88 14.53 0.72
CA PRO B 117 -12.17 14.83 0.49
C PRO B 117 -11.59 14.22 -0.74
C PRO B 117 -11.81 14.28 -0.88
N PHE B 118 -10.32 14.35 -1.11
N PHE B 118 -10.64 14.65 -1.39
CA PHE B 118 -9.87 14.02 -2.44
CA PHE B 118 -10.14 14.14 -2.65
C PHE B 118 -8.52 13.33 -2.35
C PHE B 118 -8.78 13.48 -2.44
N TYR B 119 -8.21 12.48 -3.34
N TYR B 119 -8.43 12.59 -3.38
CA TYR B 119 -6.81 12.12 -3.57
CA TYR B 119 -7.02 12.24 -3.62
C TYR B 119 -6.16 13.15 -4.51
C TYR B 119 -6.40 13.26 -4.57
N ALA B 120 -5.03 13.70 -4.08
N ALA B 120 -5.23 13.79 -4.20
CA ALA B 120 -4.22 14.56 -4.94
CA ALA B 120 -4.49 14.70 -5.07
C ALA B 120 -3.04 13.82 -5.54
C ALA B 120 -3.30 13.94 -5.65
N ILE B 121 -2.98 13.74 -6.86
N ILE B 121 -3.06 14.11 -6.96
CA ILE B 121 -1.90 13.07 -7.58
CA ILE B 121 -2.08 13.29 -7.70
C ILE B 121 -1.04 14.13 -8.26
C ILE B 121 -1.12 14.19 -8.48
N ILE B 122 0.22 14.23 -7.85
N ILE B 122 0.15 14.26 -8.02
CA ILE B 122 1.14 15.31 -8.21
CA ILE B 122 1.09 15.32 -8.42
C ILE B 122 2.14 14.84 -9.25
C ILE B 122 1.97 14.86 -9.57
N HIS B 123 2.43 15.65 -10.27
N HIS B 123 2.34 15.81 -10.46
CA HIS B 123 3.64 15.47 -11.08
CA HIS B 123 3.55 15.64 -11.26
C HIS B 123 4.23 16.85 -11.39
C HIS B 123 4.12 17.01 -11.61
N ARG B 124 5.47 16.87 -11.92
N ARG B 124 5.37 16.99 -12.08
CA ARG B 124 6.19 18.12 -12.18
CA ARG B 124 6.16 18.20 -12.28
C ARG B 124 6.52 18.23 -13.67
C ARG B 124 6.61 18.32 -13.73
N VAL B 125 6.43 19.44 -14.20
N VAL B 125 6.32 19.47 -14.33
CA VAL B 125 6.99 19.78 -15.51
CA VAL B 125 6.81 19.80 -15.67
C VAL B 125 7.81 21.06 -15.34
C VAL B 125 7.53 21.14 -15.55
N THR B 126 9.14 20.94 -15.37
N THR B 126 8.86 21.10 -15.67
CA THR B 126 10.03 22.07 -15.10
CA THR B 126 9.79 22.18 -15.34
C THR B 126 9.49 22.87 -13.93
C THR B 126 9.29 23.07 -14.23
N GLY B 127 9.20 24.16 -14.12
N GLY B 127 8.99 24.34 -14.52
CA GLY B 127 8.84 25.01 -13.00
CA GLY B 127 8.73 25.25 -13.42
C GLY B 127 7.37 24.99 -12.58
C GLY B 127 7.35 25.17 -12.78
N SER B 128 6.57 24.07 -13.10
N SER B 128 6.59 24.09 -12.99
CA SER B 128 5.16 23.95 -12.71
CA SER B 128 5.17 24.11 -12.65
C SER B 128 4.91 22.65 -11.97
C SER B 128 4.67 22.79 -12.05
N MET B 129 3.99 22.71 -10.99
N MET B 129 3.83 22.90 -11.03
CA MET B 129 3.49 21.52 -10.30
CA MET B 129 3.14 21.76 -10.42
C MET B 129 2.03 21.33 -10.67
C MET B 129 1.77 21.62 -11.08
N ILE B 130 1.73 20.17 -11.27
N ILE B 130 1.29 20.39 -11.18
CA ILE B 130 0.43 19.82 -11.76
CA ILE B 130 -0.03 20.09 -11.74
C ILE B 130 -0.23 18.82 -10.82
C ILE B 130 -0.72 19.02 -10.90
N ILE B 131 -1.49 19.07 -10.42
N ILE B 131 -1.85 19.36 -10.27
CA ILE B 131 -2.16 18.25 -9.40
CA ILE B 131 -2.57 18.42 -9.41
C ILE B 131 -3.51 17.80 -9.93
C ILE B 131 -3.84 17.91 -10.10
N ASP B 132 -3.71 16.48 -10.00
N ASP B 132 -3.98 16.58 -10.16
CA ASP B 132 -4.99 15.87 -10.31
CA ASP B 132 -5.26 15.93 -10.42
C ASP B 132 -5.71 15.56 -9.01
C ASP B 132 -5.95 15.62 -9.09
N PHE B 133 -6.99 15.87 -8.96
N PHE B 133 -7.13 16.17 -8.86
CA PHE B 133 -7.80 15.62 -7.78
CA PHE B 133 -7.94 15.74 -7.73
C PHE B 133 -8.89 14.63 -8.10
C PHE B 133 -8.90 14.66 -8.22
N GLU B 134 -8.88 13.48 -7.40
N GLU B 134 -9.10 13.65 -7.38
CA GLU B 134 -9.86 12.42 -7.64
CA GLU B 134 -10.02 12.59 -7.67
C GLU B 134 -10.69 12.23 -6.37
C GLU B 134 -10.87 12.40 -6.43
N PRO B 135 -12.03 12.29 -6.47
N PRO B 135 -12.17 12.20 -6.59
CA PRO B 135 -12.88 12.23 -5.27
CA PRO B 135 -13.07 12.28 -5.42
C PRO B 135 -12.78 10.93 -4.51
C PRO B 135 -13.03 11.01 -4.60
N VAL B 136 -12.96 11.03 -3.19
N VAL B 136 -13.09 11.19 -3.28
CA VAL B 136 -12.94 9.88 -2.30
CA VAL B 136 -13.15 10.12 -2.29
C VAL B 136 -14.29 9.87 -1.58
C VAL B 136 -14.55 10.10 -1.65
N LYS B 137 -14.90 8.69 -1.42
N LYS B 137 -15.25 8.96 -1.78
CA LYS B 137 -16.14 8.74 -0.65
CA LYS B 137 -16.45 8.69 -0.99
C LYS B 137 -15.82 8.96 0.83
C LYS B 137 -16.14 8.79 0.49
N PRO B 138 -16.69 9.68 1.55
N PRO B 138 -17.04 9.39 1.30
CA PRO B 138 -16.44 9.93 2.98
CA PRO B 138 -16.73 9.68 2.72
C PRO B 138 -16.28 8.66 3.79
C PRO B 138 -16.36 8.48 3.57
N TYR B 139 -17.09 7.64 3.51
N TYR B 139 -17.06 7.37 3.38
CA TYR B 139 -16.98 6.44 4.33
CA TYR B 139 -16.78 6.17 4.14
C TYR B 139 -15.74 5.64 3.98
C TYR B 139 -15.52 5.46 3.68
N GLU B 140 -15.06 5.97 2.88
N GLU B 140 -14.83 6.01 2.70
CA GLU B 140 -13.82 5.32 2.47
CA GLU B 140 -13.52 5.50 2.34
C GLU B 140 -12.60 5.86 3.24
C GLU B 140 -12.41 6.19 3.13
N VAL B 141 -12.69 7.07 3.81
N VAL B 141 -12.65 7.41 3.64
CA VAL B 141 -11.49 7.70 4.37
CA VAL B 141 -11.59 8.12 4.34
C VAL B 141 -10.84 6.88 5.44
C VAL B 141 -10.95 7.30 5.46
N PRO B 142 -11.57 6.31 6.43
N PRO B 142 -11.71 6.62 6.32
CA PRO B 142 -10.87 5.48 7.43
CA PRO B 142 -11.06 5.75 7.32
C PRO B 142 -10.21 4.27 6.82
C PRO B 142 -10.35 4.53 6.74
N MET B 143 -10.63 3.84 5.64
N MET B 143 -10.70 4.10 5.54
CA MET B 143 -10.06 2.63 5.05
CA MET B 143 -10.19 2.88 4.87
C MET B 143 -8.93 2.92 4.05
C MET B 143 -9.05 3.14 3.88
N THR B 144 -8.45 4.17 3.97
N THR B 144 -8.49 4.35 3.83
CA THR B 144 -7.51 4.51 2.88
CA THR B 144 -7.57 4.63 2.73
C THR B 144 -6.22 3.70 2.97
C THR B 144 -6.22 3.98 2.89
N ALA B 145 -5.64 3.55 4.16
N ALA B 145 -5.83 3.55 4.09
CA ALA B 145 -4.41 2.75 4.22
CA ALA B 145 -4.50 2.99 4.20
C ALA B 145 -4.71 1.28 4.01
C ALA B 145 -4.48 1.52 3.83
N ALA B 146 -5.80 0.79 4.62
N ALA B 146 -5.57 0.84 4.16
CA ALA B 146 -6.16 -0.61 4.49
CA ALA B 146 -5.75 -0.58 3.99
C ALA B 146 -6.33 -0.97 3.03
C ALA B 146 -6.41 -0.94 2.65
N GLY B 147 -7.09 -0.13 2.29
N GLY B 147 -6.82 0.05 1.87
CA GLY B 147 -7.38 -0.40 0.89
CA GLY B 147 -7.22 -0.18 0.50
C GLY B 147 -6.14 -0.33 0.00
C GLY B 147 -5.96 -0.12 -0.34
N ALA B 148 -5.22 0.58 0.31
N ALA B 148 -5.14 0.90 -0.07
CA ALA B 148 -3.96 0.65 -0.44
CA ALA B 148 -3.76 0.91 -0.57
C ALA B 148 -3.13 -0.62 -0.23
C ALA B 148 -3.07 -0.45 -0.35
N LEU B 149 -2.97 -1.07 1.02
N LEU B 149 -3.05 -0.94 0.89
CA LEU B 149 -2.26 -2.32 1.28
CA LEU B 149 -2.27 -2.14 1.21
C LEU B 149 -2.93 -3.49 0.59
C LEU B 149 -2.79 -3.37 0.48
N GLN B 150 -4.27 -3.55 0.65
N GLN B 150 -4.12 -3.54 0.45
CA GLN B 150 -4.96 -4.68 0.06
CA GLN B 150 -4.72 -4.67 -0.23
C GLN B 150 -4.72 -4.75 -1.44
C GLN B 150 -4.44 -4.62 -1.73
N SER B 151 -4.78 -3.61 -2.12
N SER B 151 -4.63 -3.43 -2.34
CA SER B 151 -4.53 -3.58 -3.55
CA SER B 151 -4.37 -3.25 -3.77
C SER B 151 -3.13 -4.07 -3.89
C SER B 151 -2.98 -3.78 -4.13
N TYR B 152 -2.13 -3.60 -3.15
N TYR B 152 -1.95 -3.33 -3.43
CA TYR B 152 -0.77 -4.00 -3.47
CA TYR B 152 -0.62 -3.85 -3.71
C TYR B 152 -0.52 -5.47 -3.11
C TYR B 152 -0.51 -5.32 -3.35
N LYS B 153 -1.09 -5.94 -2.01
N LYS B 153 -1.26 -5.77 -2.35
CA LYS B 153 -0.97 -7.36 -1.66
CA LYS B 153 -1.14 -7.16 -1.93
C LYS B 153 -1.52 -8.27 -2.77
C LYS B 153 -1.56 -8.12 -3.05
N LEU B 154 -2.69 -7.94 -3.31
N LEU B 154 -2.63 -7.77 -3.78
CA LEU B 154 -3.25 -8.77 -4.39
CA LEU B 154 -3.11 -8.56 -4.90
C LEU B 154 -2.32 -8.77 -5.59
C LEU B 154 -2.15 -8.46 -6.08
N ALA B 155 -1.80 -7.60 -5.95
N ALA B 155 -1.70 -7.25 -6.37
CA ALA B 155 -0.84 -7.52 -7.04
CA ALA B 155 -0.66 -7.05 -7.37
C ALA B 155 0.41 -8.35 -6.73
C ALA B 155 0.58 -7.89 -7.10
N ALA B 156 0.89 -8.30 -5.49
N ALA B 156 1.06 -7.92 -5.85
CA ALA B 156 2.07 -9.08 -5.12
CA ALA B 156 2.27 -8.66 -5.51
C ALA B 156 1.81 -10.57 -5.23
C ALA B 156 2.09 -10.16 -5.67
N LYS B 157 0.61 -11.01 -4.89
N LYS B 157 0.99 -10.71 -5.15
CA LYS B 157 0.32 -12.43 -5.03
CA LYS B 157 0.67 -12.13 -5.33
C LYS B 157 0.32 -12.83 -6.52
C LYS B 157 0.60 -12.49 -6.82
N ALA B 158 -0.21 -11.95 -7.39
N ALA B 158 -0.20 -11.76 -7.61
CA ALA B 158 -0.12 -12.15 -8.83
CA ALA B 158 -0.23 -12.05 -9.04
C ALA B 158 1.31 -12.34 -9.30
C ALA B 158 1.19 -12.08 -9.62
N ILE B 159 2.22 -11.48 -8.86
N ILE B 159 2.09 -11.25 -9.08
CA ILE B 159 3.62 -11.59 -9.24
CA ILE B 159 3.46 -11.29 -9.57
C ILE B 159 4.18 -12.96 -8.89
C ILE B 159 4.11 -12.61 -9.20
N THR B 160 3.86 -13.49 -7.71
N THR B 160 3.81 -13.16 -8.01
CA THR B 160 4.39 -14.82 -7.40
CA THR B 160 4.39 -14.44 -7.66
C THR B 160 3.91 -15.90 -8.37
C THR B 160 3.93 -15.53 -8.62
N ARG B 161 2.67 -15.80 -8.88
N ARG B 161 2.62 -15.59 -8.89
CA ARG B 161 2.20 -16.83 -9.81
CA ARG B 161 2.15 -16.58 -9.87
C ARG B 161 2.80 -16.68 -11.20
C ARG B 161 2.85 -16.43 -11.21
N LEU B 162 3.03 -15.45 -11.70
N LEU B 162 3.35 -15.24 -11.54
CA LEU B 162 3.82 -15.32 -12.92
CA LEU B 162 4.01 -15.04 -12.83
C LEU B 162 5.17 -16.00 -12.78
C LEU B 162 5.38 -15.70 -12.86
N GLN B 163 5.86 -15.73 -11.67
N GLN B 163 6.18 -15.48 -11.81
CA GLN B 163 7.19 -16.28 -11.42
CA GLN B 163 7.56 -15.97 -11.75
C GLN B 163 7.19 -17.80 -11.28
C GLN B 163 7.61 -17.48 -11.72
N SER B 164 6.17 -18.37 -10.67
N SER B 164 6.73 -18.10 -10.96
CA SER B 164 6.14 -19.82 -10.51
CA SER B 164 6.68 -19.55 -10.84
C SER B 164 6.02 -20.54 -11.85
C SER B 164 6.25 -20.23 -12.13
N LEU B 165 5.51 -19.88 -12.88
N LEU B 165 6.06 -19.49 -13.22
CA LEU B 165 5.24 -20.54 -14.16
CA LEU B 165 5.61 -20.18 -14.43
C LEU B 165 6.51 -21.13 -14.77
C LEU B 165 6.80 -20.70 -15.22
N PRO B 166 6.45 -22.35 -15.30
N PRO B 166 6.71 -21.92 -15.73
CA PRO B 166 7.56 -22.86 -16.13
CA PRO B 166 7.81 -22.47 -16.54
C PRO B 166 7.78 -22.01 -17.37
C PRO B 166 8.01 -21.67 -17.82
N SER B 167 9.04 -21.82 -17.73
N SER B 167 9.27 -21.40 -18.11
CA SER B 167 9.34 -21.05 -18.92
CA SER B 167 9.68 -20.58 -19.23
C SER B 167 8.96 -21.86 -20.18
C SER B 167 9.42 -21.30 -20.56
N GLY B 168 9.07 -21.21 -21.33
N GLY B 168 9.61 -20.60 -21.68
CA GLY B 168 8.95 -21.84 -22.62
CA GLY B 168 9.43 -21.16 -23.00
C GLY B 168 7.64 -21.57 -23.35
C GLY B 168 8.19 -20.73 -23.77
N SER B 169 6.66 -20.90 -22.75
N SER B 169 7.08 -20.38 -23.09
CA SER B 169 5.40 -20.66 -23.45
CA SER B 169 5.81 -20.17 -23.77
C SER B 169 4.95 -19.22 -23.28
C SER B 169 5.29 -18.76 -23.55
N MET B 170 5.07 -18.43 -24.35
N MET B 170 5.26 -17.98 -24.63
CA MET B 170 4.55 -17.08 -24.38
CA MET B 170 4.59 -16.68 -24.65
C MET B 170 3.05 -17.12 -24.17
C MET B 170 3.09 -16.82 -24.45
N GLU B 171 2.39 -18.15 -24.71
N GLU B 171 2.52 -17.99 -24.76
CA GLU B 171 0.94 -18.26 -24.64
CA GLU B 171 1.07 -18.12 -24.72
C GLU B 171 0.44 -18.43 -23.19
C GLU B 171 0.57 -18.28 -23.28
N ARG B 172 1.05 -19.34 -22.43
N ARG B 172 1.21 -19.14 -22.48
CA ARG B 172 0.66 -19.54 -21.05
CA ARG B 172 0.74 -19.29 -21.11
C ARG B 172 0.96 -18.30 -20.19
C ARG B 172 1.08 -18.05 -20.28
N LEU B 173 2.09 -17.65 -20.44
N LEU B 173 2.25 -17.46 -20.50
CA LEU B 173 2.45 -16.45 -19.71
CA LEU B 173 2.60 -16.20 -19.86
C LEU B 173 1.38 -15.38 -19.91
C LEU B 173 1.50 -15.15 -20.10
N CYS B 174 1.00 -15.11 -21.16
N CYS B 174 1.33 -14.72 -21.35
CA CYS B 174 0.01 -14.07 -21.42
CA CYS B 174 0.34 -13.71 -21.71
C CYS B 174 -1.37 -14.46 -20.90
C CYS B 174 -1.07 -14.12 -21.28
N ASP B 175 -1.73 -15.76 -20.96
N ASP B 175 -1.35 -15.43 -21.24
CA ASP B 175 -3.02 -16.16 -20.39
CA ASP B 175 -2.65 -15.90 -20.72
C ASP B 175 -3.05 -15.90 -18.90
C ASP B 175 -2.77 -15.57 -19.25
N THR B 176 -1.97 -16.24 -18.20
N THR B 176 -1.70 -15.84 -18.50
CA THR B 176 -1.93 -16.02 -16.77
CA THR B 176 -1.69 -15.59 -17.07
C THR B 176 -2.08 -14.54 -16.46
C THR B 176 -1.80 -14.11 -16.80
N MET B 177 -1.39 -13.69 -17.22
N MET B 177 -1.04 -13.29 -17.54
CA MET B 177 -1.44 -12.25 -16.97
CA MET B 177 -1.14 -11.85 -17.40
C MET B 177 -2.86 -11.71 -17.14
C MET B 177 -2.58 -11.35 -17.49
N VAL B 178 -3.56 -12.07 -18.23
N VAL B 178 -3.29 -11.70 -18.57
CA VAL B 178 -4.90 -11.51 -18.42
CA VAL B 178 -4.62 -11.13 -18.79
C VAL B 178 -5.84 -12.06 -17.36
C VAL B 178 -5.60 -11.69 -17.80
N GLN B 179 -5.62 -13.30 -16.94
N GLN B 179 -5.44 -12.98 -17.45
CA GLN B 179 -6.47 -13.83 -15.88
CA GLN B 179 -6.27 -13.52 -16.38
C GLN B 179 -6.29 -13.06 -14.58
C GLN B 179 -6.09 -12.75 -15.08
N GLU B 180 -5.04 -12.79 -14.21
N GLU B 180 -4.86 -12.70 -14.55
CA GLU B 180 -4.79 -12.08 -12.96
CA GLU B 180 -4.63 -11.98 -13.29
C GLU B 180 -5.37 -10.68 -13.01
C GLU B 180 -5.22 -10.58 -13.34
N VAL B 181 -5.21 -10.00 -14.14
N VAL B 181 -5.00 -9.85 -14.45
CA VAL B 181 -5.68 -8.62 -14.26
CA VAL B 181 -5.52 -8.49 -14.58
C VAL B 181 -7.19 -8.59 -14.22
C VAL B 181 -7.04 -8.48 -14.56
N PHE B 182 -7.83 -9.57 -14.86
N PHE B 182 -7.66 -9.50 -15.13
CA PHE B 182 -9.28 -9.69 -14.82
CA PHE B 182 -9.10 -9.63 -15.06
C PHE B 182 -9.77 -9.76 -13.37
C PHE B 182 -9.57 -9.77 -13.62
N GLU B 183 -9.14 -10.61 -12.53
N GLU B 183 -8.96 -10.70 -12.85
CA GLU B 183 -9.58 -10.71 -11.13
CA GLU B 183 -9.37 -10.83 -11.46
C GLU B 183 -9.30 -9.45 -10.34
C GLU B 183 -9.04 -9.58 -10.67
N LEU B 184 -8.15 -8.83 -10.60
N LEU B 184 -7.95 -8.92 -11.03
CA LEU B 184 -7.76 -7.66 -9.83
CA LEU B 184 -7.53 -7.75 -10.28
C LEU B 184 -8.62 -6.43 -10.16
C LEU B 184 -8.38 -6.53 -10.59
N THR B 185 -8.99 -6.25 -11.43
N THR B 185 -8.83 -6.34 -11.85
CA THR B 185 -9.56 -4.98 -11.85
CA THR B 185 -9.46 -5.08 -12.22
C THR B 185 -11.06 -5.01 -12.05
C THR B 185 -10.97 -5.13 -12.39
N GLY B 186 -11.66 -6.19 -12.23
N GLY B 186 -11.58 -6.32 -12.51
CA GLY B 186 -13.10 -6.35 -12.40
CA GLY B 186 -13.03 -6.44 -12.64
C GLY B 186 -13.72 -5.84 -13.69
C GLY B 186 -13.69 -5.96 -13.93
N TYR B 187 -12.94 -5.61 -14.75
N TYR B 187 -12.94 -5.49 -14.92
CA TYR B 187 -13.45 -5.22 -16.07
CA TYR B 187 -13.55 -5.04 -16.17
C TYR B 187 -14.07 -6.40 -16.82
C TYR B 187 -14.24 -6.19 -16.91
N ASP B 188 -14.96 -6.07 -17.77
N ASP B 188 -15.07 -5.82 -17.90
CA ASP B 188 -15.71 -7.11 -18.48
CA ASP B 188 -15.81 -6.79 -18.71
C ASP B 188 -14.82 -7.90 -19.45
C ASP B 188 -14.95 -7.53 -19.74
N ARG B 189 -13.72 -7.30 -19.95
N ARG B 189 -13.77 -7.00 -20.10
CA ARG B 189 -12.89 -7.90 -21.00
CA ARG B 189 -12.88 -7.66 -21.07
C ARG B 189 -11.45 -7.50 -20.74
C ARG B 189 -11.42 -7.29 -20.80
N VAL B 190 -10.53 -8.46 -20.78
N VAL B 190 -10.50 -8.22 -21.02
CA VAL B 190 -9.09 -8.13 -20.68
CA VAL B 190 -9.06 -8.00 -20.87
C VAL B 190 -8.31 -8.87 -21.78
C VAL B 190 -8.35 -8.57 -22.09
N MET B 191 -7.50 -8.12 -22.54
N MET B 191 -7.61 -7.73 -22.80
CA MET B 191 -6.75 -8.62 -23.67
CA MET B 191 -6.81 -8.20 -23.92
C MET B 191 -5.25 -8.32 -23.54
C MET B 191 -5.37 -7.69 -23.85
N ALA B 192 -4.44 -9.22 -24.09
N ALA B 192 -4.42 -8.60 -24.12
CA ALA B 192 -3.04 -8.91 -24.36
CA ALA B 192 -3.09 -8.17 -24.53
C ALA B 192 -2.87 -8.62 -25.85
C ALA B 192 -3.07 -7.94 -26.03
N TYR B 193 -2.41 -7.41 -26.17
N TYR B 193 -2.15 -7.09 -26.43
CA TYR B 193 -2.35 -6.89 -27.53
CA TYR B 193 -1.79 -6.82 -27.81
C TYR B 193 -0.90 -6.64 -27.93
C TYR B 193 -0.29 -7.07 -27.95
N LYS B 194 -0.39 -7.44 -28.87
N LYS B 194 0.16 -7.24 -29.20
CA LYS B 194 1.02 -7.44 -29.28
CA LYS B 194 1.58 -7.29 -29.54
C LYS B 194 1.22 -6.65 -30.56
C LYS B 194 1.81 -6.52 -30.84
N PHE B 195 2.26 -5.80 -30.59
N PHE B 195 2.74 -5.58 -30.78
CA PHE B 195 2.67 -5.12 -31.81
CA PHE B 195 3.13 -4.79 -31.94
C PHE B 195 3.66 -5.95 -32.63
C PHE B 195 4.29 -5.45 -32.67
N HIS B 196 3.36 -6.14 -33.92
N HIS B 196 4.00 -5.95 -33.87
CA HIS B 196 4.26 -6.79 -34.88
CA HIS B 196 4.98 -6.48 -34.82
C HIS B 196 5.25 -5.75 -35.44
C HIS B 196 5.89 -5.37 -35.32
N GLU B 197 6.24 -6.19 -36.24
N GLU B 197 6.87 -5.75 -36.16
CA GLU B 197 7.26 -5.22 -36.71
CA GLU B 197 7.84 -4.78 -36.66
C GLU B 197 6.66 -4.19 -37.66
C GLU B 197 7.22 -3.76 -37.64
N ASP B 198 5.57 -4.47 -38.32
N ASP B 198 6.16 -4.13 -38.38
CA ASP B 198 5.04 -3.43 -39.18
CA ASP B 198 5.42 -3.14 -39.15
C ASP B 198 4.06 -2.53 -38.45
C ASP B 198 4.71 -2.12 -38.25
N ASP B 199 4.02 -2.66 -37.12
N ASP B 199 4.48 -2.48 -36.97
CA ASP B 199 3.27 -1.89 -36.13
CA ASP B 199 3.86 -1.68 -35.92
C ASP B 199 1.78 -2.21 -36.05
C ASP B 199 2.37 -1.94 -35.82
N HIS B 200 1.27 -3.12 -36.87
N HIS B 200 1.89 -2.93 -36.56
CA HIS B 200 -0.11 -3.56 -36.70
CA HIS B 200 0.49 -3.31 -36.45
C HIS B 200 -0.14 -4.45 -35.45
C HIS B 200 0.36 -4.32 -35.33
N GLY B 201 -1.32 -4.60 -34.88
N GLY B 201 -0.86 -4.48 -34.83
CA GLY B 201 -1.46 -5.37 -33.64
CA GLY B 201 -1.11 -5.21 -33.60
C GLY B 201 -2.25 -6.66 -33.75
C GLY B 201 -1.98 -6.42 -33.85
N GLU B 202 -2.04 -7.58 -32.80
N GLU B 202 -1.76 -7.47 -33.04
CA GLU B 202 -2.76 -8.84 -32.76
CA GLU B 202 -2.54 -8.70 -33.06
C GLU B 202 -3.18 -9.08 -31.32
C GLU B 202 -2.94 -9.00 -31.62
N VAL B 203 -4.43 -9.51 -31.12
N VAL B 203 -4.24 -9.07 -31.38
CA VAL B 203 -4.88 -9.94 -29.80
CA VAL B 203 -4.80 -9.56 -30.14
C VAL B 203 -4.44 -11.39 -29.60
C VAL B 203 -4.25 -10.94 -29.84
N ILE B 204 -3.50 -11.60 -28.68
N ILE B 204 -3.18 -11.01 -29.03
CA ILE B 204 -2.94 -12.94 -28.47
CA ILE B 204 -2.57 -12.31 -28.78
C ILE B 204 -3.40 -13.61 -27.19
C ILE B 204 -3.11 -13.03 -27.55
N ALA B 205 -4.14 -12.92 -26.32
N ALA B 205 -3.88 -12.37 -26.70
CA ALA B 205 -4.75 -13.62 -25.18
CA ALA B 205 -4.47 -13.01 -25.52
C ALA B 205 -5.94 -12.81 -24.72
C ALA B 205 -5.79 -12.34 -25.23
N GLU B 206 -6.93 -13.49 -24.13
N GLU B 206 -6.64 -13.01 -24.45
CA GLU B 206 -8.17 -12.78 -23.85
CA GLU B 206 -7.98 -12.45 -24.23
C GLU B 206 -8.98 -13.54 -22.80
C GLU B 206 -8.74 -13.24 -23.16
N ILE B 207 -9.60 -12.79 -21.89
N ILE B 207 -9.48 -12.50 -22.32
CA ILE B 207 -10.62 -13.36 -21.01
CA ILE B 207 -10.51 -13.05 -21.42
C ILE B 207 -11.77 -12.37 -20.96
C ILE B 207 -11.66 -12.06 -21.34
N THR B 208 -12.99 -12.87 -21.01
N THR B 208 -12.90 -12.58 -21.29
CA THR B 208 -14.18 -12.05 -20.89
CA THR B 208 -14.10 -11.78 -21.13
C THR B 208 -15.22 -12.68 -19.99
C THR B 208 -15.08 -12.45 -20.17
N LYS B 209 -16.19 -11.85 -19.61
N LYS B 209 -16.01 -11.66 -19.61
CA LYS B 209 -17.45 -12.29 -19.03
CA LYS B 209 -17.18 -12.22 -18.95
C LYS B 209 -18.19 -13.06 -20.12
C LYS B 209 -18.05 -12.94 -19.98
N PRO B 210 -19.12 -13.97 -19.75
N PRO B 210 -18.75 -14.00 -19.57
CA PRO B 210 -19.79 -14.82 -20.76
CA PRO B 210 -19.49 -14.81 -20.56
C PRO B 210 -20.49 -14.31 -22.01
C PRO B 210 -20.56 -14.02 -21.32
N GLY B 211 -21.54 -13.52 -21.94
N GLY B 211 -20.58 -14.26 -22.64
CA GLY B 211 -22.08 -12.97 -23.18
CA GLY B 211 -21.57 -13.74 -23.55
C GLY B 211 -21.27 -12.32 -24.29
C GLY B 211 -21.04 -12.78 -24.59
N LEU B 212 -20.03 -11.93 -24.05
N LEU B 212 -19.76 -12.41 -24.53
CA LEU B 212 -19.29 -11.14 -25.03
CA LEU B 212 -19.23 -11.32 -25.35
C LEU B 212 -18.66 -11.87 -26.22
C LEU B 212 -18.41 -11.83 -26.53
N GLU B 213 -18.55 -11.10 -27.31
N GLU B 213 -18.50 -11.11 -27.64
CA GLU B 213 -17.96 -11.55 -28.56
CA GLU B 213 -17.89 -11.53 -28.90
C GLU B 213 -16.44 -11.62 -28.41
C GLU B 213 -16.35 -11.54 -28.76
N PRO B 214 -15.81 -12.72 -28.82
N PRO B 214 -15.67 -12.56 -29.27
CA PRO B 214 -14.35 -12.81 -28.67
CA PRO B 214 -14.21 -12.62 -29.11
C PRO B 214 -13.61 -12.01 -29.71
C PRO B 214 -13.45 -11.74 -30.10
N TYR B 215 -12.47 -11.43 -29.30
N TYR B 215 -12.21 -11.38 -29.73
CA TYR B 215 -11.52 -10.85 -30.24
CA TYR B 215 -11.25 -10.74 -30.62
C TYR B 215 -10.23 -11.65 -30.35
C TYR B 215 -9.93 -11.50 -30.64
N LEU B 216 -10.10 -12.75 -29.63
N LEU B 216 -9.83 -12.59 -29.91
CA LEU B 216 -8.87 -13.53 -29.67
CA LEU B 216 -8.58 -13.34 -29.82
C LEU B 216 -8.53 -13.93 -31.10
C LEU B 216 -8.13 -13.81 -31.21
N GLY B 217 -7.28 -13.70 -31.48
N GLY B 217 -6.99 -13.31 -31.64
CA GLY B 217 -6.76 -14.08 -32.77
CA GLY B 217 -6.41 -13.62 -32.93
C GLY B 217 -6.87 -13.03 -33.86
C GLY B 217 -6.43 -12.49 -33.94
N LEU B 218 -7.60 -11.94 -33.64
N LEU B 218 -7.29 -11.50 -33.76
CA LEU B 218 -7.81 -10.93 -34.67
CA LEU B 218 -7.51 -10.57 -34.85
C LEU B 218 -6.63 -9.97 -34.77
C LEU B 218 -6.34 -9.59 -35.00
N HIS B 219 -6.43 -9.45 -36.00
N HIS B 219 -6.24 -9.00 -36.20
CA HIS B 219 -5.33 -8.54 -36.32
CA HIS B 219 -5.11 -8.20 -36.66
C HIS B 219 -5.94 -7.17 -36.64
C HIS B 219 -5.63 -6.85 -37.12
N TYR B 220 -5.21 -6.11 -36.33
N TYR B 220 -5.05 -5.78 -36.57
CA TYR B 220 -5.72 -4.76 -36.45
CA TYR B 220 -5.52 -4.46 -36.95
C TYR B 220 -4.68 -3.87 -37.10
C TYR B 220 -4.35 -3.61 -37.42
N PRO B 221 -5.11 -2.87 -37.88
N PRO B 221 -4.62 -2.55 -38.14
CA PRO B 221 -4.15 -1.99 -38.56
CA PRO B 221 -3.54 -1.77 -38.77
C PRO B 221 -3.30 -1.18 -37.60
C PRO B 221 -2.80 -0.87 -37.79
N ALA B 222 -2.07 -0.90 -38.04
N ALA B 222 -1.54 -0.59 -38.13
CA ALA B 222 -1.19 0.04 -37.35
CA ALA B 222 -0.68 0.22 -37.28
C ALA B 222 -1.89 1.36 -37.03
C ALA B 222 -1.18 1.64 -37.12
N THR B 223 -2.68 1.90 -37.97
N THR B 223 -2.05 2.09 -38.00
CA THR B 223 -3.23 3.24 -37.83
CA THR B 223 -2.56 3.43 -37.87
C THR B 223 -4.32 3.34 -36.76
C THR B 223 -3.76 3.52 -36.95
N ASP B 224 -4.79 2.21 -36.21
N ASP B 224 -4.24 2.39 -36.44
CA ASP B 224 -5.72 2.23 -35.10
CA ASP B 224 -5.33 2.47 -35.48
C ASP B 224 -5.07 2.84 -33.87
C ASP B 224 -4.90 3.10 -34.17
N ILE B 225 -3.75 2.76 -33.77
N ILE B 225 -3.58 3.21 -33.94
CA ILE B 225 -2.97 3.37 -32.70
CA ILE B 225 -3.04 3.90 -32.78
C ILE B 225 -1.87 4.26 -33.24
C ILE B 225 -1.99 4.90 -33.26
N PRO B 226 -2.10 5.58 -33.37
N PRO B 226 -2.31 6.20 -33.25
CA PRO B 226 -1.08 6.45 -33.95
CA PRO B 226 -1.40 7.21 -33.80
C PRO B 226 0.25 6.41 -33.20
C PRO B 226 -0.11 7.33 -32.98
N GLN B 227 1.30 6.77 -33.93
N GLN B 227 0.89 7.90 -33.62
CA GLN B 227 2.65 6.85 -33.40
CA GLN B 227 2.23 7.87 -33.05
C GLN B 227 2.65 7.66 -32.08
C GLN B 227 2.27 8.62 -31.71
N ALA B 228 1.94 8.80 -32.08
N ALA B 228 1.73 9.83 -31.68
CA ALA B 228 1.95 9.72 -30.93
CA ALA B 228 1.77 10.64 -30.48
C ALA B 228 1.43 9.04 -29.66
C ALA B 228 0.95 10.01 -29.35
N SER B 229 0.41 8.20 -29.78
N SER B 229 -0.05 9.19 -29.69
CA SER B 229 -0.10 7.48 -28.62
CA SER B 229 -0.67 8.37 -28.66
C SER B 229 0.93 6.50 -28.10
C SER B 229 0.30 7.34 -28.13
N ARG B 230 1.56 5.74 -29.01
N ARG B 230 1.19 6.81 -28.98
CA ARG B 230 2.58 4.79 -28.58
CA ARG B 230 2.05 5.71 -28.54
C ARG B 230 3.71 5.53 -27.86
C ARG B 230 3.08 6.19 -27.52
N PHE B 231 4.05 6.72 -28.37
N PHE B 231 3.59 7.41 -27.68
CA PHE B 231 5.11 7.52 -27.76
CA PHE B 231 4.47 7.98 -26.66
C PHE B 231 4.73 7.89 -26.33
C PHE B 231 3.72 8.20 -25.37
N LEU B 232 3.47 8.29 -26.12
N LEU B 232 2.48 8.70 -25.46
CA LEU B 232 3.06 8.75 -24.80
CA LEU B 232 1.70 9.05 -24.29
C LEU B 232 3.07 7.58 -23.80
C LEU B 232 1.45 7.85 -23.39
N PHE B 233 2.81 6.36 -24.29
N PHE B 233 1.04 6.72 -23.97
CA PHE B 233 2.74 5.19 -23.40
CA PHE B 233 1.08 5.42 -23.30
C PHE B 233 4.09 4.86 -22.80
C PHE B 233 2.44 5.14 -22.68
N MET B 234 5.17 5.32 -23.44
N MET B 234 3.54 5.37 -23.42
CA MET B 234 6.53 5.14 -22.90
CA MET B 234 4.86 5.09 -22.86
C MET B 234 6.67 5.84 -21.55
C MET B 234 5.09 5.98 -21.62
N LYS B 235 5.93 6.93 -21.35
N LYS B 235 4.59 7.22 -21.68
CA LYS B 235 6.06 7.78 -20.18
CA LYS B 235 4.77 8.24 -20.64
C LYS B 235 4.87 7.68 -19.24
C LYS B 235 3.90 7.98 -19.41
N ASN B 236 3.68 7.58 -19.79
N ASN B 236 2.58 7.84 -19.56
CA ASN B 236 2.46 7.39 -19.02
CA ASN B 236 1.69 7.56 -18.41
C ASN B 236 2.07 5.93 -19.14
C ASN B 236 1.33 6.07 -18.34
N LYS B 237 2.45 5.10 -18.18
N LYS B 237 2.34 5.26 -18.01
CA LYS B 237 2.35 3.68 -18.44
CA LYS B 237 2.26 3.82 -17.78
C LYS B 237 0.94 3.16 -18.20
C LYS B 237 0.86 3.22 -17.62
N VAL B 238 0.09 3.90 -17.48
N VAL B 238 -0.01 3.84 -16.84
CA VAL B 238 -1.29 3.45 -17.22
CA VAL B 238 -1.43 3.47 -16.79
C VAL B 238 -2.26 4.59 -17.53
C VAL B 238 -2.22 4.70 -17.23
N ARG B 239 -3.31 4.27 -18.30
N ARG B 239 -3.32 4.48 -17.96
CA ARG B 239 -4.33 5.20 -18.76
CA ARG B 239 -4.12 5.56 -18.57
C ARG B 239 -5.76 4.71 -18.55
C ARG B 239 -5.58 5.10 -18.58
N MET B 240 -6.56 5.54 -17.90
N MET B 240 -6.52 5.98 -18.22
CA MET B 240 -7.94 5.21 -17.60
CA MET B 240 -7.87 5.54 -17.91
C MET B 240 -8.87 6.18 -18.31
C MET B 240 -8.94 6.49 -18.44
N ILE B 241 -9.90 5.64 -18.98
N ILE B 241 -10.01 5.88 -18.96
CA ILE B 241 -10.99 6.45 -19.54
CA ILE B 241 -11.18 6.52 -19.58
C ILE B 241 -12.27 5.94 -18.87
C ILE B 241 -12.40 6.00 -18.86
N VAL B 242 -12.93 6.80 -18.11
N VAL B 242 -13.09 6.85 -18.13
CA VAL B 242 -14.07 6.35 -17.31
CA VAL B 242 -14.14 6.34 -17.23
C VAL B 242 -15.32 6.16 -18.16
C VAL B 242 -15.46 6.16 -17.98
N ASP B 243 -15.57 7.07 -19.10
N ASP B 243 -15.66 6.94 -19.07
CA ASP B 243 -16.82 7.06 -19.87
CA ASP B 243 -16.92 7.05 -19.82
C ASP B 243 -16.59 7.81 -21.18
C ASP B 243 -16.72 7.81 -21.13
N CYS B 244 -16.57 7.08 -22.29
N CYS B 244 -16.57 7.11 -22.27
CA CYS B 244 -16.23 7.70 -23.56
CA CYS B 244 -16.32 7.78 -23.55
C CYS B 244 -17.25 8.74 -23.99
C CYS B 244 -17.44 8.75 -23.96
N HIS B 245 -18.46 8.72 -23.42
N HIS B 245 -18.66 8.57 -23.50
CA HIS B 245 -19.49 9.70 -23.77
CA HIS B 245 -19.69 9.61 -23.74
C HIS B 245 -19.51 10.93 -22.87
C HIS B 245 -19.66 10.73 -22.73
N ALA B 246 -18.64 11.02 -21.88
N ALA B 246 -18.59 10.94 -21.98
CA ALA B 246 -18.68 12.14 -20.95
CA ALA B 246 -18.61 12.06 -21.06
C ALA B 246 -18.35 13.46 -21.64
C ALA B 246 -18.52 13.36 -21.84
N LYS B 247 -18.96 14.54 -21.15
N LYS B 247 -19.27 14.35 -21.37
CA LYS B 247 -18.72 15.86 -21.70
CA LYS B 247 -18.99 15.72 -21.71
C LYS B 247 -17.41 16.39 -21.10
C LYS B 247 -17.68 16.11 -21.04
N HIS B 248 -16.44 16.65 -21.97
N HIS B 248 -16.67 16.43 -21.85
CA HIS B 248 -15.13 17.09 -21.55
CA HIS B 248 -15.37 16.81 -21.33
C HIS B 248 -15.16 18.50 -20.96
C HIS B 248 -15.34 18.29 -20.99
N VAL B 249 -14.15 18.80 -20.13
N VAL B 249 -14.28 18.68 -20.28
CA VAL B 249 -14.03 20.05 -19.41
CA VAL B 249 -14.16 19.96 -19.58
C VAL B 249 -12.73 20.73 -19.82
C VAL B 249 -12.86 20.66 -19.98
N ARG B 250 -12.80 22.05 -20.12
N ARG B 250 -12.83 22.00 -19.94
CA ARG B 250 -11.65 22.86 -20.54
CA ARG B 250 -11.68 22.77 -20.43
C ARG B 250 -10.74 23.22 -19.36
C ARG B 250 -10.75 23.19 -19.30
N VAL B 251 -9.44 23.29 -19.62
N VAL B 251 -9.51 23.51 -19.68
CA VAL B 251 -8.49 23.90 -18.71
CA VAL B 251 -8.51 24.00 -18.74
C VAL B 251 -8.21 25.34 -19.13
C VAL B 251 -8.13 25.43 -19.15
N LEU B 252 -8.30 26.26 -18.17
N LEU B 252 -8.15 26.34 -18.17
CA LEU B 252 -7.99 27.67 -18.40
CA LEU B 252 -7.95 27.77 -18.39
C LEU B 252 -6.60 27.95 -17.81
C LEU B 252 -6.64 28.22 -17.74
N GLN B 253 -5.77 28.70 -18.54
N GLN B 253 -5.73 28.78 -18.53
CA GLN B 253 -4.48 29.08 -18.00
CA GLN B 253 -4.46 29.21 -17.95
C GLN B 253 -4.35 30.61 -17.93
C GLN B 253 -4.43 30.74 -17.85
N ASP B 254 -3.38 31.05 -17.13
N ASP B 254 -3.60 31.22 -16.95
CA ASP B 254 -3.08 32.47 -16.98
CA ASP B 254 -3.25 32.63 -16.89
C ASP B 254 -2.87 33.14 -18.35
C ASP B 254 -2.93 33.18 -18.28
N GLU B 255 -3.65 34.18 -18.63
N GLU B 255 -3.53 34.32 -18.65
CA GLU B 255 -3.49 34.89 -19.90
CA GLU B 255 -3.31 34.82 -20.00
C GLU B 255 -2.12 35.52 -20.05
C GLU B 255 -2.03 35.65 -20.12
N LYS B 256 -1.42 35.78 -18.95
N LYS B 256 -1.36 35.94 -19.01
CA LYS B 256 -0.10 36.36 -19.01
CA LYS B 256 -0.02 36.52 -18.98
C LYS B 256 0.93 35.41 -19.60
C LYS B 256 1.10 35.51 -19.26
N LEU B 257 0.68 34.10 -19.55
N LEU B 257 0.75 34.25 -19.63
CA LEU B 257 1.67 33.14 -20.05
CA LEU B 257 1.78 33.32 -20.09
C LEU B 257 1.77 33.22 -21.56
C LEU B 257 1.88 33.37 -21.61
N PRO B 258 2.98 33.38 -22.12
N PRO B 258 3.09 33.48 -22.14
CA PRO B 258 3.12 33.46 -23.58
CA PRO B 258 3.25 33.62 -23.58
C PRO B 258 3.34 32.11 -24.27
C PRO B 258 3.12 32.32 -24.34
N PHE B 259 3.17 30.99 -23.58
N PHE B 259 3.21 31.18 -23.66
CA PHE B 259 3.24 29.65 -24.18
CA PHE B 259 3.12 29.84 -24.23
C PHE B 259 2.15 28.79 -23.55
C PHE B 259 1.97 29.10 -23.54
N ASP B 260 1.87 27.64 -24.16
N ASP B 260 1.72 27.87 -23.98
CA ASP B 260 0.97 26.66 -23.55
CA ASP B 260 0.66 27.00 -23.45
C ASP B 260 1.68 25.76 -22.54
C ASP B 260 1.29 25.94 -22.53
N LEU B 261 1.02 25.55 -21.39
N LEU B 261 0.55 25.50 -21.51
CA LEU B 261 1.50 24.52 -20.48
CA LEU B 261 1.16 24.57 -20.56
C LEU B 261 1.33 23.14 -21.13
C LEU B 261 0.88 23.13 -20.94
N THR B 262 2.17 22.20 -20.72
N THR B 262 1.89 22.29 -20.71
CA THR B 262 2.11 20.80 -21.13
CA THR B 262 1.81 20.86 -20.99
C THR B 262 1.37 20.00 -20.05
C THR B 262 0.96 20.11 -19.94
N LEU B 263 0.17 19.50 -20.37
N LEU B 263 -0.09 19.43 -20.40
CA LEU B 263 -0.65 18.79 -19.40
CA LEU B 263 -1.02 18.74 -19.51
C LEU B 263 -0.82 17.31 -19.74
C LEU B 263 -1.21 17.27 -19.86
N CYS B 264 -0.05 16.78 -20.67
N CYS B 264 -0.62 16.75 -20.94
CA CYS B 264 -0.28 15.37 -21.01
CA CYS B 264 -0.94 15.38 -21.33
C CYS B 264 0.10 14.40 -19.89
C CYS B 264 -0.40 14.32 -20.37
N GLY B 265 0.82 14.83 -18.86
N GLY B 265 0.34 14.72 -19.34
CA GLY B 265 1.03 13.88 -17.77
CA GLY B 265 0.65 13.86 -18.21
C GLY B 265 -0.14 13.69 -16.82
C GLY B 265 -0.51 13.58 -17.26
N SER B 266 -1.25 14.40 -17.03
N SER B 266 -1.54 14.43 -17.22
CA SER B 266 -2.40 14.31 -16.15
CA SER B 266 -2.60 14.29 -16.23
C SER B 266 -3.09 12.97 -16.26
C SER B 266 -3.44 13.05 -16.43
N THR B 267 -3.49 12.42 -15.11
N THR B 267 -3.68 12.36 -15.31
CA THR B 267 -4.36 11.24 -15.09
CA THR B 267 -4.51 11.17 -15.36
C THR B 267 -5.74 11.49 -15.72
C THR B 267 -5.89 11.46 -15.92
N LEU B 268 -6.13 12.75 -15.91
N LEU B 268 -6.38 12.71 -15.83
CA LEU B 268 -7.49 13.13 -16.31
CA LEU B 268 -7.65 13.11 -16.40
C LEU B 268 -7.62 13.48 -17.80
C LEU B 268 -7.53 13.52 -17.86
N ARG B 269 -6.53 13.45 -18.57
N ARG B 269 -6.46 13.12 -18.53
CA ARG B 269 -6.56 13.91 -19.96
CA ARG B 269 -6.34 13.41 -19.95
C ARG B 269 -7.69 13.28 -20.77
C ARG B 269 -7.56 12.92 -20.71
N ALA B 270 -8.45 14.12 -21.48
N ALA B 270 -8.18 13.82 -21.50
CA ALA B 270 -9.58 13.59 -22.23
CA ALA B 270 -9.38 13.44 -22.27
C ALA B 270 -9.08 12.85 -23.47
C ALA B 270 -8.98 12.79 -23.60
N PRO B 271 -9.77 11.78 -23.88
N PRO B 271 -9.64 11.70 -24.01
CA PRO B 271 -9.41 11.11 -25.14
CA PRO B 271 -9.27 11.05 -25.29
C PRO B 271 -9.74 11.98 -26.36
C PRO B 271 -9.56 11.95 -26.48
N HIS B 272 -8.87 11.91 -27.36
N HIS B 272 -9.10 11.51 -27.64
CA HIS B 272 -9.15 12.54 -28.65
CA HIS B 272 -9.57 12.11 -28.87
C HIS B 272 -10.47 11.99 -29.19
C HIS B 272 -11.02 11.71 -29.11
N SER B 273 -11.23 12.85 -29.90
N SER B 273 -11.83 12.67 -29.56
CA SER B 273 -12.58 12.49 -30.33
CA SER B 273 -13.22 12.40 -29.91
C SER B 273 -12.61 11.31 -31.30
C SER B 273 -13.34 11.28 -30.95
N CYS B 274 -11.59 11.14 -32.15
N CYS B 274 -12.26 10.99 -31.70
CA CYS B 274 -11.54 9.97 -33.00
CA CYS B 274 -12.29 9.90 -32.68
C CYS B 274 -11.57 8.71 -32.16
C CYS B 274 -12.25 8.54 -32.00
N HIS B 275 -10.77 8.68 -31.08
N HIS B 275 -11.34 8.35 -31.04
CA HIS B 275 -10.70 7.46 -30.28
CA HIS B 275 -11.39 7.11 -30.27
C HIS B 275 -11.97 7.28 -29.44
C HIS B 275 -12.67 6.99 -29.45
N ALA B 276 -12.56 8.38 -28.94
N ALA B 276 -13.30 8.10 -29.05
CA ALA B 276 -13.82 8.25 -28.19
CA ALA B 276 -14.52 7.98 -28.24
C ALA B 276 -14.91 7.71 -29.11
C ALA B 276 -15.68 7.42 -29.06
N GLN B 277 -14.85 8.09 -30.38
N GLN B 277 -15.79 7.81 -30.34
CA GLN B 277 -15.77 7.56 -31.38
CA GLN B 277 -16.83 7.23 -31.19
C GLN B 277 -15.45 6.08 -31.63
C GLN B 277 -16.52 5.77 -31.52
N TYR B 278 -14.16 5.76 -31.74
N TYR B 278 -15.24 5.44 -31.78
CA TYR B 278 -13.70 4.38 -31.89
CA TYR B 278 -14.86 4.04 -31.98
C TYR B 278 -14.24 3.49 -30.77
C TYR B 278 -15.27 3.19 -30.80
N MET B 279 -14.14 3.98 -29.51
N MET B 279 -15.09 3.69 -29.58
CA MET B 279 -14.60 3.22 -28.35
CA MET B 279 -15.38 2.90 -28.38
C MET B 279 -16.10 2.96 -28.39
C MET B 279 -16.89 2.71 -28.20
N ALA B 280 -16.91 4.01 -28.66
N ALA B 280 -17.66 3.78 -28.42
CA ALA B 280 -18.36 3.86 -28.66
CA ALA B 280 -19.12 3.73 -28.29
C ALA B 280 -18.77 2.80 -29.67
C ALA B 280 -19.74 2.78 -29.31
N ASN B 281 -18.04 2.75 -30.80
N ASN B 281 -19.34 2.89 -30.58
CA ASN B 281 -18.34 1.78 -31.85
CA ASN B 281 -19.84 2.00 -31.61
C ASN B 281 -18.15 0.34 -31.38
C ASN B 281 -19.66 0.53 -31.21
N MET B 282 -17.19 0.07 -30.50
N MET B 282 -18.45 0.15 -30.77
CA MET B 282 -16.96 -1.32 -30.09
CA MET B 282 -18.14 -1.23 -30.37
C MET B 282 -17.57 -1.62 -28.75
C MET B 282 -18.61 -1.58 -28.95
N ASP B 283 -18.41 -0.72 -28.24
N ASP B 283 -19.44 -0.72 -28.35
CA ASP B 283 -19.15 -0.96 -27.01
CA ASP B 283 -20.03 -0.90 -27.01
C ASP B 283 -18.20 -1.13 -25.83
C ASP B 283 -19.00 -1.22 -25.92
N SER B 284 -17.01 -0.55 -25.94
N SER B 284 -17.79 -0.70 -26.05
CA SER B 284 -16.11 -0.36 -24.81
CA SER B 284 -16.88 -0.55 -24.91
C SER B 284 -16.34 1.07 -24.30
C SER B 284 -16.90 0.91 -24.52
N ILE B 285 -17.27 1.20 -23.36
N ILE B 285 -17.31 1.20 -23.28
CA ILE B 285 -17.59 2.52 -22.84
CA ILE B 285 -17.47 2.58 -22.85
C ILE B 285 -16.47 3.02 -21.92
C ILE B 285 -16.38 3.04 -21.87
N ALA B 286 -15.81 2.11 -21.18
N ALA B 286 -15.75 2.12 -21.13
CA ALA B 286 -14.74 2.47 -20.27
CA ALA B 286 -14.61 2.49 -20.29
C ALA B 286 -13.51 1.63 -20.61
C ALA B 286 -13.41 1.65 -20.68
N SER B 287 -12.31 2.13 -20.27
N SER B 287 -12.21 2.20 -20.46
CA SER B 287 -11.08 1.36 -20.52
CA SER B 287 -11.06 1.32 -20.50
C SER B 287 -9.96 1.67 -19.54
C SER B 287 -9.94 1.78 -19.58
N LEU B 288 -9.09 0.68 -19.36
N LEU B 288 -9.01 0.87 -19.41
CA LEU B 288 -7.82 0.79 -18.63
CA LEU B 288 -7.80 1.08 -18.66
C LEU B 288 -6.73 0.09 -19.43
C LEU B 288 -6.69 0.38 -19.43
N VAL B 289 -5.68 0.81 -19.80
N VAL B 289 -5.56 1.06 -19.60
CA VAL B 289 -4.62 0.29 -20.66
CA VAL B 289 -4.51 0.62 -20.50
C VAL B 289 -3.29 0.42 -19.94
C VAL B 289 -3.24 0.42 -19.69
N MET B 290 -2.52 -0.65 -19.94
N MET B 290 -2.47 -0.62 -20.01
CA MET B 290 -1.20 -0.67 -19.34
CA MET B 290 -1.11 -0.69 -19.50
C MET B 290 -0.15 -0.93 -20.40
C MET B 290 -0.13 -0.90 -20.64
N ALA B 291 0.80 0.00 -20.54
N ALA B 291 1.02 -0.22 -20.49
CA ALA B 291 1.94 -0.21 -21.44
CA ALA B 291 2.03 -0.12 -21.53
C ALA B 291 2.82 -1.37 -20.97
C ALA B 291 3.06 -1.21 -21.32
N VAL B 292 3.38 -2.13 -21.91
N VAL B 292 3.51 -1.79 -22.41
CA VAL B 292 4.34 -3.20 -21.62
CA VAL B 292 4.46 -2.88 -22.36
C VAL B 292 5.64 -2.81 -22.31
C VAL B 292 5.71 -2.34 -23.03
N VAL B 293 6.58 -2.23 -21.56
N VAL B 293 6.57 -1.74 -22.22
CA VAL B 293 7.83 -1.72 -22.11
CA VAL B 293 7.86 -1.23 -22.69
C VAL B 293 8.97 -2.64 -21.71
C VAL B 293 8.93 -2.22 -22.24
N VAL B 294 9.63 -3.28 -22.74
N VAL B 294 9.66 -2.78 -23.20
CA VAL B 294 10.75 -4.20 -22.55
CA VAL B 294 10.74 -3.73 -22.96
C VAL B 294 12.03 -3.37 -22.54
C VAL B 294 12.05 -2.97 -23.04
N ASN B 295 13.04 -3.88 -21.82
N ASN B 295 12.98 -3.32 -22.15
CA ASN B 295 14.34 -3.21 -21.57
CA ASN B 295 14.20 -2.55 -21.92
C ASN B 295 14.18 -1.83 -20.93
C ASN B 295 13.84 -1.17 -21.39
N ASP B 296 13.36 -1.77 -19.89
CA ASP B 296 13.03 -0.48 -19.29
C ASP B 296 14.06 -0.10 -18.22
N ARG B 311 17.13 -0.30 -27.54
N ARG B 311 17.09 0.26 -27.88
CA ARG B 311 16.42 -1.57 -27.31
CA ARG B 311 16.55 -1.09 -27.73
C ARG B 311 15.10 -1.39 -26.59
C ARG B 311 15.29 -1.07 -26.85
N LYS B 312 14.97 -0.27 -25.89
N LYS B 312 14.93 0.11 -26.36
CA LYS B 312 13.75 -0.01 -25.13
CA LYS B 312 13.68 0.31 -25.65
C LYS B 312 12.61 0.09 -26.11
C LYS B 312 12.56 0.47 -26.67
N ARG B 313 11.56 -0.72 -25.91
N ARG B 313 11.45 -0.23 -26.44
CA ARG B 313 10.60 -0.90 -26.99
CA ARG B 313 10.41 -0.28 -27.45
C ARG B 313 9.27 -1.23 -26.37
C ARG B 313 9.08 -0.48 -26.75
N LEU B 314 8.25 -0.64 -26.96
N LEU B 314 8.03 0.05 -27.36
CA LEU B 314 6.87 -0.95 -26.59
CA LEU B 314 6.68 -0.34 -26.99
C LEU B 314 6.45 -2.27 -27.25
C LEU B 314 6.39 -1.68 -27.64
N TRP B 315 6.53 -3.36 -26.47
N TRP B 315 6.45 -2.77 -26.86
CA TRP B 315 6.15 -4.68 -26.96
CA TRP B 315 6.09 -4.08 -27.39
C TRP B 315 4.66 -4.78 -27.26
C TRP B 315 4.60 -4.18 -27.69
N GLY B 316 3.81 -4.13 -26.45
N GLY B 316 3.77 -3.73 -26.75
CA GLY B 316 2.37 -4.36 -26.53
CA GLY B 316 2.36 -4.04 -26.72
C GLY B 316 1.63 -3.67 -25.40
C GLY B 316 1.63 -3.19 -25.70
N LEU B 317 0.35 -4.02 -25.27
N LEU B 317 0.43 -3.65 -25.37
CA LEU B 317 -0.54 -3.44 -24.29
CA LEU B 317 -0.47 -3.02 -24.39
C LEU B 317 -1.39 -4.50 -23.62
C LEU B 317 -1.29 -4.10 -23.72
N VAL B 318 -1.71 -4.29 -22.35
N VAL B 318 -1.41 -4.03 -22.38
CA VAL B 318 -2.80 -4.99 -21.66
CA VAL B 318 -2.41 -4.85 -21.66
C VAL B 318 -4.00 -4.06 -21.64
C VAL B 318 -3.60 -3.96 -21.31
N VAL B 319 -5.08 -4.45 -22.29
N VAL B 319 -4.80 -4.37 -21.70
CA VAL B 319 -6.22 -3.59 -22.59
CA VAL B 319 -5.93 -3.43 -21.71
C VAL B 319 -7.45 -4.13 -21.86
C VAL B 319 -7.19 -4.01 -21.05
N CYS B 320 -8.03 -3.33 -20.98
N CYS B 320 -7.96 -3.18 -20.39
CA CYS B 320 -9.24 -3.70 -20.26
CA CYS B 320 -9.31 -3.58 -19.94
C CYS B 320 -10.38 -2.87 -20.82
C CYS B 320 -10.35 -2.68 -20.56
N HIS B 321 -11.51 -3.52 -21.13
N HIS B 321 -11.49 -3.27 -20.93
CA HIS B 321 -12.69 -2.76 -21.56
CA HIS B 321 -12.61 -2.58 -21.55
C HIS B 321 -13.83 -3.04 -20.60
C HIS B 321 -13.86 -2.92 -20.78
N ASN B 322 -14.73 -2.08 -20.49
N ASN B 322 -14.68 -1.92 -20.47
CA ASN B 322 -15.96 -2.32 -19.75
CA ASN B 322 -15.94 -2.24 -19.83
C ASN B 322 -17.14 -1.81 -20.58
C ASN B 322 -17.11 -1.83 -20.72
N THR B 323 -18.26 -2.56 -20.51
N THR B 323 -18.24 -2.52 -20.55
CA THR B 323 -19.47 -2.19 -21.24
CA THR B 323 -19.42 -2.18 -21.34
C THR B 323 -20.13 -0.95 -20.63
C THR B 323 -20.41 -1.33 -20.55
N THR B 324 -19.99 -0.73 -19.32
N THR B 324 -20.00 -0.84 -19.37
CA THR B 324 -20.57 0.42 -18.66
CA THR B 324 -20.64 0.21 -18.60
C THR B 324 -19.47 1.29 -18.05
C THR B 324 -19.53 1.08 -18.00
N PRO B 325 -19.77 2.53 -17.66
N PRO B 325 -19.88 2.24 -17.48
CA PRO B 325 -18.72 3.39 -17.07
CA PRO B 325 -18.87 3.12 -16.87
C PRO B 325 -18.06 2.70 -15.88
C PRO B 325 -18.00 2.41 -15.84
N ARG B 326 -16.76 2.96 -15.70
N ARG B 326 -16.79 2.95 -15.64
CA ARG B 326 -16.03 2.35 -14.60
CA ARG B 326 -15.98 2.34 -14.61
C ARG B 326 -14.89 3.24 -14.14
C ARG B 326 -14.81 3.22 -14.26
N PHE B 327 -14.76 3.37 -12.83
N PHE B 327 -14.57 3.26 -12.96
CA PHE B 327 -13.69 4.11 -12.15
CA PHE B 327 -13.59 4.11 -12.31
C PHE B 327 -13.02 3.16 -11.17
C PHE B 327 -12.86 3.23 -11.29
N VAL B 328 -11.69 3.14 -11.16
N VAL B 328 -11.56 3.07 -11.47
CA VAL B 328 -10.92 2.43 -10.13
CA VAL B 328 -10.70 2.43 -10.47
C VAL B 328 -9.96 3.45 -9.51
C VAL B 328 -9.77 3.51 -9.91
N PRO B 329 -9.78 3.42 -8.19
N PRO B 329 -9.58 3.55 -8.59
CA PRO B 329 -8.99 4.46 -7.52
CA PRO B 329 -8.91 4.70 -7.97
C PRO B 329 -7.50 4.34 -7.79
C PRO B 329 -7.40 4.53 -7.96
N PHE B 330 -6.79 5.44 -7.55
N PHE B 330 -6.75 5.64 -7.65
CA PHE B 330 -5.38 5.48 -7.90
CA PHE B 330 -5.31 5.71 -7.81
C PHE B 330 -4.56 4.36 -7.27
C PHE B 330 -4.50 4.61 -7.13
N PRO B 331 -4.73 3.98 -5.99
N PRO B 331 -4.85 4.09 -5.95
CA PRO B 331 -3.84 2.95 -5.42
CA PRO B 331 -4.00 3.01 -5.39
C PRO B 331 -3.85 1.65 -6.21
C PRO B 331 -3.91 1.79 -6.29
N LEU B 332 -5.03 1.24 -6.72
N LEU B 332 -5.00 1.40 -6.93
CA LEU B 332 -5.09 0.05 -7.55
CA LEU B 332 -4.97 0.29 -7.89
C LEU B 332 -4.38 0.25 -8.90
C LEU B 332 -4.10 0.60 -9.11
N ARG B 333 -4.55 1.40 -9.55
N ARG B 333 -4.43 1.70 -9.78
CA ARG B 333 -3.82 1.65 -10.78
CA ARG B 333 -3.70 2.12 -10.96
C ARG B 333 -2.31 1.65 -10.55
C ARG B 333 -2.20 2.04 -10.70
N TYR B 334 -1.88 2.22 -9.42
N TYR B 334 -1.81 2.40 -9.49
CA TYR B 334 -0.46 2.22 -9.07
CA TYR B 334 -0.39 2.40 -9.15
C TYR B 334 0.10 0.81 -8.93
C TYR B 334 0.16 0.96 -8.97
N ALA B 335 -0.65 -0.07 -8.26
N ALA B 335 -0.62 0.08 -8.31
CA ALA B 335 -0.24 -1.48 -8.16
CA ALA B 335 -0.29 -1.34 -8.27
C ALA B 335 -0.19 -2.15 -9.53
C ALA B 335 -0.04 -1.89 -9.68
N CYS B 336 -1.16 -1.84 -10.40
N CYS B 336 -0.84 -1.43 -10.66
CA CYS B 336 -1.16 -2.40 -11.76
CA CYS B 336 -0.73 -1.93 -12.03
C CYS B 336 0.10 -1.99 -12.52
C CYS B 336 0.54 -1.45 -12.71
N GLU B 337 0.55 -0.76 -12.33
N GLU B 337 1.02 -0.28 -12.34
CA GLU B 337 1.76 -0.33 -13.01
CA GLU B 337 2.35 0.13 -12.77
C GLU B 337 2.93 -1.25 -12.68
C GLU B 337 3.39 -0.93 -12.40
N PHE B 338 3.08 -1.65 -11.41
N PHE B 338 3.23 -1.56 -11.25
CA PHE B 338 4.20 -2.51 -11.03
CA PHE B 338 4.29 -2.50 -10.89
C PHE B 338 4.00 -3.91 -11.58
C PHE B 338 4.16 -3.82 -11.64
N LEU B 339 2.77 -4.41 -11.56
N LEU B 339 2.94 -4.34 -11.70
CA LEU B 339 2.45 -5.71 -12.14
CA LEU B 339 2.68 -5.53 -12.49
C LEU B 339 2.83 -5.75 -13.61
C LEU B 339 3.16 -5.34 -13.93
N ALA B 340 2.54 -4.67 -14.35
N ALA B 340 2.92 -4.16 -14.52
CA ALA B 340 2.89 -4.62 -15.76
CA ALA B 340 3.31 -3.91 -15.91
C ALA B 340 4.41 -4.60 -15.95
C ALA B 340 4.81 -4.10 -16.11
N GLN B 341 5.14 -3.91 -15.07
N GLN B 341 5.64 -3.53 -15.23
CA GLN B 341 6.61 -3.90 -15.12
CA GLN B 341 7.09 -3.68 -15.33
C GLN B 341 7.19 -5.30 -14.95
C GLN B 341 7.50 -5.13 -15.23
N VAL B 342 6.67 -6.07 -14.01
N VAL B 342 6.93 -5.83 -14.24
CA VAL B 342 7.20 -7.38 -13.80
CA VAL B 342 7.24 -7.24 -14.08
C VAL B 342 6.86 -8.27 -15.00
C VAL B 342 6.94 -7.97 -15.37
N PHE B 343 5.62 -8.17 -15.48
N PHE B 343 5.71 -7.81 -15.88
CA PHE B 343 5.21 -8.90 -16.69
CA PHE B 343 5.34 -8.47 -17.13
C PHE B 343 6.18 -8.62 -17.84
C PHE B 343 6.30 -8.10 -18.26
N ALA B 344 6.58 -7.36 -18.01
N ALA B 344 6.69 -6.83 -18.35
CA ALA B 344 7.49 -6.99 -19.09
CA ALA B 344 7.65 -6.46 -19.38
C ALA B 344 8.83 -7.72 -18.97
C ALA B 344 8.94 -7.26 -19.26
N ILE B 345 9.33 -7.91 -17.74
N ILE B 345 9.35 -7.60 -18.04
CA ILE B 345 10.56 -8.69 -17.55
CA ILE B 345 10.63 -8.25 -17.82
C ILE B 345 10.39 -10.11 -18.06
C ILE B 345 10.58 -9.71 -18.26
N HIS B 346 9.29 -10.79 -17.69
N HIS B 346 9.49 -10.42 -17.94
CA HIS B 346 9.09 -12.16 -18.17
CA HIS B 346 9.37 -11.82 -18.38
C HIS B 346 8.91 -12.22 -19.68
C HIS B 346 9.06 -11.93 -19.87
N VAL B 347 8.17 -11.28 -20.27
N VAL B 347 8.41 -10.92 -20.46
CA VAL B 347 8.01 -11.25 -21.72
CA VAL B 347 8.20 -10.95 -21.90
C VAL B 347 9.39 -11.23 -22.38
C VAL B 347 9.54 -10.89 -22.62
N ASN B 348 10.26 -10.34 -21.93
N ASN B 348 10.43 -10.04 -22.12
CA ASN B 348 11.58 -10.21 -22.54
CA ASN B 348 11.74 -9.92 -22.71
C ASN B 348 12.42 -11.47 -22.34
C ASN B 348 12.60 -11.15 -22.43
N LYS B 349 12.26 -12.16 -21.21
N LYS B 349 12.40 -11.81 -21.28
CA LYS B 349 12.92 -13.44 -20.99
CA LYS B 349 13.15 -13.03 -21.01
C LYS B 349 12.53 -14.50 -22.05
C LYS B 349 12.84 -14.10 -22.04
N GLU B 350 11.22 -14.64 -22.31
N GLU B 350 11.56 -14.27 -22.37
CA GLU B 350 10.75 -15.65 -23.27
CA GLU B 350 11.17 -15.39 -23.22
C GLU B 350 11.30 -15.41 -24.67
C GLU B 350 11.49 -15.13 -24.68
N ILE B 351 11.42 -14.15 -25.07
N ILE B 351 11.57 -13.86 -25.06
CA ILE B 351 12.01 -13.74 -26.32
CA ILE B 351 12.22 -13.49 -26.32
C ILE B 351 13.42 -14.33 -26.47
C ILE B 351 13.64 -14.03 -26.38
N GLU B 352 14.14 -14.46 -25.36
N GLU B 352 14.28 -14.21 -25.22
CA GLU B 352 15.53 -14.89 -25.38
CA GLU B 352 15.56 -14.92 -25.14
C GLU B 352 15.73 -16.43 -25.24
C GLU B 352 15.34 -16.31 -24.56
CHA CYC C . 12.35 -15.15 23.36
CHA CYC C . 14.05 -14.33 22.63
NA CYC C . 14.71 -15.40 22.80
NA CYC C . 16.39 -14.94 23.04
C1A CYC C . 13.42 -15.00 22.52
C1A CYC C . 15.36 -14.58 22.22
C2A CYC C . 13.34 -14.42 21.21
C2A CYC C . 15.77 -14.62 20.83
C3A CYC C . 14.61 -14.47 20.69
C3A CYC C . 17.08 -14.97 20.83
C4A CYC C . 15.43 -15.09 21.73
C4A CYC C . 17.49 -15.06 22.24
CMA CYC C . 15.05 -13.99 19.35
CMA CYC C . 17.91 -15.28 19.61
CAA CYC C . 12.07 -13.88 20.60
CAA CYC C . 14.87 -14.42 19.65
CBA CYC C . 11.76 -12.52 21.22
CBA CYC C . 14.53 -12.95 19.34
CGA CYC C . 10.59 -11.73 20.59
CGA CYC C . 15.63 -12.20 18.62
O1A CYC C . 9.44 -12.23 20.60
O1A CYC C . 16.04 -11.13 19.11
O2A CYC C . 10.89 -10.61 20.12
O2A CYC C . 16.06 -12.67 17.56
CHB CYC C . 16.85 -15.39 21.69
CHB CYC C . 18.75 -15.40 22.69
NB CYC C . 17.80 -13.52 20.51
NB CYC C . 21.07 -16.13 22.60
C1B CYC C . 17.82 -14.82 20.97
C1B CYC C . 20.02 -15.30 22.22
C2B CYC C . 19.09 -15.41 20.52
C2B CYC C . 20.56 -14.22 21.46
C3B CYC C . 19.77 -14.48 19.82
C3B CYC C . 21.83 -14.55 21.11
C4B CYC C . 18.93 -13.24 19.81
C4B CYC C . 22.19 -15.78 21.87
CMB CYC C . 19.53 -16.80 20.81
CMB CYC C . 19.91 -12.93 21.05
CAB CYC C . 21.10 -14.61 19.16
CAB CYC C . 22.78 -13.86 20.18
CBB CYC C . 21.94 -13.33 19.06
CBB CYC C . 23.69 -12.87 20.90
OB CYC C . 19.15 -12.17 19.31
OB CYC C . 23.25 -16.37 21.90
NC CYC C . 15.70 -16.58 27.67
NC CYC C . 15.91 -15.58 27.18
C1C CYC C . 16.89 -16.94 28.24
C1C CYC C . 17.02 -15.91 27.90
C2C CYC C . 16.57 -17.77 29.48
C2C CYC C . 16.58 -16.54 29.21
C3C CYC C . 15.04 -17.71 29.61
C3C CYC C . 15.05 -16.49 29.16
C4C CYC C . 14.57 -17.03 28.32
C4C CYC C . 14.72 -15.80 27.86
CMC CYC C . 17.19 -19.16 29.50
CMC CYC C . 17.17 -17.92 29.47
CAC CYC C . 14.56 -17.00 30.88
CAC CYC C . 14.41 -15.86 30.42
CBC CYC C . 14.53 -17.92 32.09
CBC CYC C . 13.03 -16.41 30.73
OC CYC C . 17.98 -16.65 27.81
OC CYC C . 18.17 -15.73 27.55
CHD CYC C . 13.27 -16.95 27.91
CHD CYC C . 13.46 -15.50 27.36
ND CYC C . 13.17 -16.11 25.52
ND CYC C . 14.06 -14.98 25.01
C1D CYC C . 12.64 -16.34 26.76
C1D CYC C . 13.15 -15.06 26.04
C2D CYC C . 11.30 -15.89 26.72
C2D CYC C . 11.88 -14.61 25.53
C3D CYC C . 11.06 -15.39 25.44
C3D CYC C . 12.06 -14.27 24.21
C4D CYC C . 12.23 -15.54 24.69
C4D CYC C . 13.44 -14.51 23.88
CMD CYC C . 10.37 -15.98 27.89
CMD CYC C . 10.62 -14.52 26.31
CAD CYC C . 9.84 -14.80 24.83
CAD CYC C . 11.00 -13.76 23.27
CBD CYC C . 9.54 -13.38 25.31
CBD CYC C . 10.72 -12.28 23.46
CGD CYC C . 8.10 -12.91 25.01
CGD CYC C . 9.35 -11.84 22.99
O1D CYC C . 7.49 -12.34 25.93
O1D CYC C . 9.15 -11.72 21.77
O2D CYC C . 7.67 -13.16 23.87
O2D CYC C . 8.47 -11.61 23.84
CHA CYC D . -5.65 5.38 -29.31
CHA CYC D . -6.41 4.06 -29.35
NA CYC D . -6.33 3.18 -30.20
NA CYC D . -7.32 2.59 -31.08
C1A CYC D . -5.83 4.01 -29.22
C1A CYC D . -6.71 2.80 -29.89
C2A CYC D . -5.54 3.22 -28.03
C2A CYC D . -6.31 1.54 -29.27
C3A CYC D . -5.88 1.92 -28.31
C3A CYC D . -6.67 0.58 -30.16
C4A CYC D . -6.37 1.94 -29.69
C4A CYC D . -7.40 1.23 -31.24
CMA CYC D . -5.75 0.74 -27.39
CMA CYC D . -6.28 -0.87 -30.04
CAA CYC D . -5.00 3.74 -26.73
CAA CYC D . -5.53 1.40 -28.00
CBA CYC D . -6.17 4.36 -25.94
CBA CYC D . -6.35 1.61 -26.73
CGA CYC D . -5.88 4.78 -24.47
CGA CYC D . -7.24 0.45 -26.35
O1A CYC D . -4.90 5.52 -24.24
O1A CYC D . -8.21 0.68 -25.62
O2A CYC D . -6.68 4.35 -23.62
O2A CYC D . -6.94 -0.69 -26.77
CHB CYC D . -6.83 0.80 -30.46
CHB CYC D . -7.90 0.62 -32.34
NB CYC D . -8.13 -0.53 -28.86
NB CYC D . -8.36 -1.30 -33.71
C1B CYC D . -7.44 -0.34 -30.04
C1B CYC D . -8.40 -0.61 -32.52
C2B CYC D . -7.49 -1.63 -30.74
C2B CYC D . -9.24 -1.31 -31.60
C3B CYC D . -8.17 -2.52 -30.00
C3B CYC D . -9.55 -2.51 -32.16
C4B CYC D . -8.60 -1.82 -28.76
C4B CYC D . -8.94 -2.54 -33.52
CMB CYC D . -6.86 -1.88 -32.07
CMB CYC D . -9.79 -0.84 -30.29
CAB CYC D . -8.47 -3.96 -30.27
CAB CYC D . -10.40 -3.61 -31.63
CBB CYC D . -9.96 -4.28 -30.17
CBB CYC D . -11.87 -3.39 -31.98
OB CYC D . -9.24 -2.27 -27.81
OB CYC D . -8.99 -3.42 -34.35
NC CYC D . -8.03 5.77 -34.37
NC CYC D . -8.28 5.71 -33.91
C1C CYC D . -8.53 5.26 -35.54
C1C CYC D . -8.85 5.44 -35.12
C2C CYC D . -8.37 6.31 -36.61
C2C CYC D . -8.71 6.66 -36.01
C3C CYC D . -7.79 7.53 -35.88
C3C CYC D . -8.12 7.74 -35.09
C4C CYC D . -7.53 7.06 -34.46
C4C CYC D . -7.87 7.04 -33.78
CMC CYC D . -7.58 5.81 -37.81
CMC CYC D . -7.92 6.39 -37.29
CAC CYC D . -8.70 8.75 -35.95
CAC CYC D . -9.03 8.96 -34.97
CBC CYC D . -8.62 9.38 -37.34
CBC CYC D . -8.27 10.28 -35.02
OC CYC D . -9.01 4.14 -35.66
OC CYC D . -9.38 4.39 -35.43
CHD CYC D . -6.82 7.75 -33.55
CHD CYC D . -7.31 7.60 -32.64
ND CYC D . -6.35 6.23 -31.57
ND CYC D . -6.96 5.61 -31.19
C1D CYC D . -6.37 7.44 -32.21
C1D CYC D . -6.91 6.95 -31.42
C2D CYC D . -5.86 8.40 -31.34
C2D CYC D . -6.41 7.57 -30.22
C3D CYC D . -5.52 7.75 -30.14
C3D CYC D . -6.17 6.57 -29.30
C4D CYC D . -5.82 6.38 -30.29
C4D CYC D . -6.52 5.32 -29.92
CMD CYC D . -5.71 9.87 -31.67
CMD CYC D . -6.19 9.03 -30.03
CAD CYC D . -4.95 8.40 -28.92
CAD CYC D . -5.63 6.73 -27.91
CBD CYC D . -6.11 8.85 -28.01
CBD CYC D . -6.69 6.97 -26.84
CGD CYC D . -5.77 9.73 -26.78
CGD CYC D . -6.20 7.65 -25.58
O1D CYC D . -6.46 10.75 -26.59
O1D CYC D . -5.75 6.95 -24.65
O2D CYC D . -4.82 9.32 -26.08
O2D CYC D . -6.24 8.89 -25.51
#